data_7Y64
#
_entry.id   7Y64
#
loop_
_entity.id
_entity.type
_entity.pdbx_description
1 polymer 'Guanine nucleotide-binding protein G(i) subunit alpha-1'
2 polymer 'Guanine nucleotide-binding protein G(I)/G(S)/G(T) subunit beta-1'
3 polymer 'Guanine nucleotide-binding protein G(I)/G(S)/G(O) subunit gamma-2'
4 polymer scFV16
5 polymer 'C5a anaphylatoxin chemotactic receptor 1'
6 polymer 'C5a anaphylatoxin'
#
loop_
_entity_poly.entity_id
_entity_poly.type
_entity_poly.pdbx_seq_one_letter_code
_entity_poly.pdbx_strand_id
1 'polypeptide(L)'
;MGCTLSAEDKAAVERSKMIDRNLREDGEKAAREVKLLLLGAGESGKSTIVKQMKIIHEAGYSEEECKQYKAVVYSNTIQS
IIAIIRAMGRLKIDFGDSARADDARQLFVLAGAAEEGFMTAELAGVIKRLWKDSGVQACFNRSREYQLNDSAAYYLNDLD
RIAQPNYIPTQQDVLRTRVKTTGIVETHFTFKDLHFKMFDVGGQRSERKKWIHCFEGVTAIIFCVALSDYDLVLAEDEEM
NRMHESMKLFDSICNNKWFTDTSIILFLNKKDLFEEKIKKSPLTICYPEYAGSNTYEEAAAYIQCQFEDLNKRKDTKEIY
THFTCATDTKNVQFVFDAVTDVIIKNNLKDCGLF
;
A
2 'polypeptide(L)'
;MHHHHLEVLFQGPGSSGSELDQLRQEAEQLKNQIRDARKACADATLSQITNNIDPVGRIQMRTRRTLRGHLAKIYAMHWG
TDSRLLVSASQDGKLIIWDSYTTNKVHAIPLRSSWVMTCAYAPSGNYVACGGLDNICSIYNLKTREGNVRVSRELAGHTG
YLSCCRFLDDNQIVTSSGDTTCALWDIETGQQTTTFTGHTGDVMSLSLAPDTRLFVSGACDASAKLWDVREGMCRQTFTG
HESDINAICFFPNGNAFATGSDDATCRLFDLRADQELMTYSHDNIICGITSVSFSKSGRLLLAGYDDFNCNVWDALKADR
AGVLAGHDNRVSCLGVTDDGMAVATGSWDSFLKIWN
;
B
3 'polypeptide(L)' MASNNTASIAQARKLVEQLKMEANIDRIKVSKAAADLMAYCEAHAKEDPLLTPVPASENPFREKKFFCAIL C
4 'polypeptide(L)'
;DVQLVESGGGLVQPGGSRKLSCSASGFAFSSFGMHWVRQAPEKGLEWVAYISSGSGTIYYADTVKGRFTISRDDPKNTLF
LQMTSLRSEDTAMYYCVRSIYYYGSSPFDFWGQGTTLTVSSGGGGSGGGGSGGGGSDIVMTQATSSVPVTPGESVSISCR
SSKSLLHSNGNTYLYWFLQRPGQSPQLLIYRMSNLASGVPDRFSGSGSGTAFTLTISRLEAEDVGVYYCMQHLEYPLTFG
AGTKLELKAAAENLYFQGHHHHHHHH
;
S
5 'polypeptide(L)'
;MDSFNYTTPDYGHYDDKDTLDLNTPVDKTSNTLRVPDILALVIFAVVFLVGVLGNALVVWVTAFEAKRTINAIWFLNLAV
ADFLSCLALPILFTSIVQHHHWPFGGAACSILPSLILLNMYASILLLATISADRFLLVFKPIWCQNFRGAGLAWIACAVA
WGLALLLTIPSFLYRVVREEYFPPKVLCGVDYSHDKRRERAVAIVRLVLGFLWPLLTLTICYTFILLRTWSRRATRSTKT
LKVVVAVVASFFIFWLPYQVTGIMMSFLEPSSPTFLLLKKLDSLCVSFAYINCCINPIIYVVAGQGFQGRLRKSLPSLLR
NVLTEESVVRHHHHHHHHH
;
D
6 'polypeptide(L)' TLQKKIEEIAAKYKHSVVKKCCYDGARVNNDETCEQRAARISLGPRCIKAFTECCVVASQLRANISHKDMQLGR E
#
# COMPACT_ATOMS: atom_id res chain seq x y z
N THR A 4 6.75 23.13 14.43
CA THR A 4 6.33 24.05 13.38
C THR A 4 4.81 24.01 13.19
N LEU A 5 4.26 22.80 13.22
CA LEU A 5 2.82 22.63 13.04
C LEU A 5 2.05 23.23 14.22
N SER A 6 0.84 23.71 13.94
CA SER A 6 0.00 24.32 14.96
C SER A 6 -0.70 23.24 15.75
N ALA A 7 -1.67 23.65 16.59
CA ALA A 7 -2.37 22.71 17.45
C ALA A 7 -3.37 21.85 16.70
N GLU A 8 -3.87 22.31 15.55
CA GLU A 8 -4.84 21.55 14.77
C GLU A 8 -4.18 20.63 13.76
N ASP A 9 -2.97 20.95 13.29
CA ASP A 9 -2.28 20.08 12.36
C ASP A 9 -1.93 18.75 13.01
N LYS A 10 -1.54 18.77 14.28
CA LYS A 10 -1.25 17.52 14.98
C LYS A 10 -2.49 16.64 15.07
N ALA A 11 -3.65 17.24 15.36
CA ALA A 11 -4.89 16.47 15.41
C ALA A 11 -5.25 15.93 14.03
N ALA A 12 -5.00 16.71 12.97
CA ALA A 12 -5.25 16.21 11.62
C ALA A 12 -4.37 15.01 11.31
N VAL A 13 -3.09 15.07 11.69
CA VAL A 13 -2.19 13.94 11.46
C VAL A 13 -2.63 12.72 12.27
N GLU A 14 -3.10 12.94 13.50
CA GLU A 14 -3.61 11.83 14.30
C GLU A 14 -4.83 11.18 13.64
N ARG A 15 -5.74 12.00 13.11
CA ARG A 15 -6.89 11.48 12.38
C ARG A 15 -6.46 10.67 11.16
N SER A 16 -5.47 11.17 10.42
CA SER A 16 -4.97 10.45 9.26
C SER A 16 -4.36 9.11 9.67
N LYS A 17 -3.62 9.08 10.78
CA LYS A 17 -3.03 7.83 11.25
C LYS A 17 -4.11 6.84 11.66
N MET A 18 -5.17 7.30 12.32
CA MET A 18 -6.26 6.41 12.68
C MET A 18 -6.95 5.86 11.44
N ILE A 19 -7.14 6.70 10.42
CA ILE A 19 -7.73 6.23 9.17
C ILE A 19 -6.85 5.16 8.53
N ASP A 20 -5.53 5.39 8.53
CA ASP A 20 -4.61 4.39 7.97
C ASP A 20 -4.70 3.07 8.73
N ARG A 21 -4.78 3.14 10.05
CA ARG A 21 -4.90 1.93 10.86
C ARG A 21 -6.18 1.17 10.50
N ASN A 22 -7.30 1.89 10.38
CA ASN A 22 -8.56 1.24 10.04
C ASN A 22 -8.51 0.60 8.65
N LEU A 23 -7.92 1.30 7.68
CA LEU A 23 -7.79 0.74 6.34
C LEU A 23 -6.94 -0.52 6.34
N ARG A 24 -5.81 -0.50 7.07
CA ARG A 24 -4.97 -1.69 7.14
C ARG A 24 -5.70 -2.86 7.79
N GLU A 25 -6.44 -2.58 8.87
CA GLU A 25 -7.19 -3.64 9.54
C GLU A 25 -8.26 -4.23 8.64
N ASP A 26 -8.95 -3.39 7.85
CA ASP A 26 -9.95 -3.90 6.92
C ASP A 26 -9.33 -4.68 5.78
N GLY A 27 -8.18 -4.24 5.27
CA GLY A 27 -7.51 -4.97 4.21
C GLY A 27 -6.98 -6.32 4.66
N GLU A 28 -6.52 -6.41 5.91
CA GLU A 28 -6.06 -7.70 6.43
C GLU A 28 -7.21 -8.69 6.59
N LYS A 29 -8.44 -8.21 6.74
CA LYS A 29 -9.60 -9.09 6.85
C LYS A 29 -10.22 -9.41 5.49
N ALA A 30 -10.13 -8.50 4.52
CA ALA A 30 -10.70 -8.76 3.22
C ALA A 30 -9.93 -9.80 2.41
N ALA A 31 -8.69 -10.11 2.80
CA ALA A 31 -7.87 -11.06 2.07
C ALA A 31 -8.08 -12.50 2.51
N ARG A 32 -8.85 -12.74 3.57
CA ARG A 32 -9.10 -14.08 4.07
C ARG A 32 -10.35 -14.71 3.49
N GLU A 33 -10.74 -14.31 2.28
CA GLU A 33 -11.95 -14.80 1.64
C GLU A 33 -11.60 -15.40 0.28
N VAL A 34 -12.22 -16.52 -0.04
CA VAL A 34 -12.03 -17.15 -1.34
C VAL A 34 -13.02 -16.53 -2.32
N LYS A 35 -12.55 -16.19 -3.52
CA LYS A 35 -13.38 -15.54 -4.53
C LYS A 35 -13.55 -16.46 -5.72
N LEU A 36 -14.79 -16.57 -6.21
CA LEU A 36 -15.12 -17.41 -7.36
C LEU A 36 -15.96 -16.62 -8.34
N LEU A 37 -15.71 -16.81 -9.63
CA LEU A 37 -16.48 -16.14 -10.67
C LEU A 37 -17.29 -17.18 -11.44
N LEU A 38 -18.61 -17.02 -11.48
CA LEU A 38 -19.50 -17.99 -12.08
C LEU A 38 -19.96 -17.48 -13.43
N LEU A 39 -19.74 -18.27 -14.48
CA LEU A 39 -20.17 -17.95 -15.83
C LEU A 39 -21.16 -18.99 -16.34
N GLY A 40 -21.56 -18.85 -17.59
CA GLY A 40 -22.48 -19.79 -18.17
C GLY A 40 -22.89 -19.36 -19.57
N ALA A 41 -24.02 -19.90 -20.02
CA ALA A 41 -24.57 -19.58 -21.34
C ALA A 41 -26.07 -19.31 -21.24
N GLY A 42 -26.50 -18.72 -20.13
CA GLY A 42 -27.89 -18.38 -19.94
C GLY A 42 -28.71 -19.50 -19.33
N GLU A 43 -29.00 -20.53 -20.13
CA GLU A 43 -29.80 -21.67 -19.68
C GLU A 43 -28.92 -22.86 -19.32
N SER A 44 -27.72 -22.62 -18.79
CA SER A 44 -26.79 -23.69 -18.48
C SER A 44 -27.03 -24.33 -17.12
N GLY A 45 -27.92 -23.77 -16.31
CA GLY A 45 -28.21 -24.31 -15.00
C GLY A 45 -27.55 -23.60 -13.84
N LYS A 46 -27.46 -22.28 -13.87
CA LYS A 46 -26.86 -21.55 -12.75
C LYS A 46 -27.71 -21.71 -11.50
N SER A 47 -29.04 -21.68 -11.64
CA SER A 47 -29.93 -21.62 -10.49
C SER A 47 -29.79 -22.85 -9.61
N THR A 48 -29.74 -24.04 -10.22
CA THR A 48 -29.61 -25.26 -9.43
C THR A 48 -28.27 -25.30 -8.70
N ILE A 49 -27.19 -24.85 -9.36
CA ILE A 49 -25.88 -24.82 -8.72
C ILE A 49 -25.89 -23.91 -7.51
N VAL A 50 -26.44 -22.70 -7.67
CA VAL A 50 -26.50 -21.76 -6.55
C VAL A 50 -27.36 -22.32 -5.43
N LYS A 51 -28.52 -22.89 -5.77
CA LYS A 51 -29.41 -23.44 -4.75
C LYS A 51 -28.77 -24.61 -4.01
N GLN A 52 -27.90 -25.36 -4.70
CA GLN A 52 -27.24 -26.50 -4.05
C GLN A 52 -26.13 -26.03 -3.11
N MET A 53 -25.21 -25.22 -3.60
CA MET A 53 -24.04 -24.88 -2.79
C MET A 53 -24.18 -23.58 -1.99
N LYS A 54 -25.37 -23.00 -1.90
CA LYS A 54 -25.57 -21.86 -1.01
C LYS A 54 -25.94 -22.32 0.38
N GLY A 183 -27.58 -6.13 -12.19
CA GLY A 183 -26.18 -5.81 -12.41
C GLY A 183 -25.24 -6.96 -12.09
N ILE A 184 -24.90 -7.11 -10.81
CA ILE A 184 -24.03 -8.17 -10.35
C ILE A 184 -24.62 -8.77 -9.10
N VAL A 185 -24.48 -10.09 -8.93
CA VAL A 185 -25.03 -10.81 -7.79
C VAL A 185 -23.89 -11.42 -6.99
N GLU A 186 -23.96 -11.27 -5.68
CA GLU A 186 -22.93 -11.72 -4.76
C GLU A 186 -23.54 -12.74 -3.79
N THR A 187 -22.87 -13.88 -3.63
CA THR A 187 -23.35 -14.94 -2.75
C THR A 187 -22.24 -15.32 -1.77
N HIS A 188 -22.62 -15.57 -0.52
CA HIS A 188 -21.68 -15.91 0.54
C HIS A 188 -22.08 -17.24 1.17
N PHE A 189 -21.08 -18.07 1.48
CA PHE A 189 -21.31 -19.30 2.22
C PHE A 189 -20.02 -19.74 2.88
N THR A 190 -20.13 -20.78 3.71
CA THR A 190 -19.02 -21.25 4.51
C THR A 190 -19.01 -22.78 4.51
N PHE A 191 -17.83 -23.36 4.29
CA PHE A 191 -17.65 -24.80 4.34
C PHE A 191 -16.34 -25.11 5.03
N LYS A 192 -16.41 -25.87 6.13
CA LYS A 192 -15.23 -26.37 6.85
C LYS A 192 -14.25 -25.23 7.15
N ASP A 193 -14.77 -24.19 7.81
CA ASP A 193 -13.99 -23.03 8.23
C ASP A 193 -13.40 -22.25 7.06
N LEU A 194 -13.94 -22.44 5.86
CA LEU A 194 -13.52 -21.68 4.69
C LEU A 194 -14.68 -20.80 4.22
N HIS A 195 -14.39 -19.52 4.00
CA HIS A 195 -15.40 -18.54 3.63
C HIS A 195 -15.31 -18.25 2.14
N PHE A 196 -16.41 -18.44 1.42
CA PHE A 196 -16.46 -18.27 -0.03
C PHE A 196 -17.21 -17.00 -0.39
N LYS A 197 -17.04 -16.60 -1.65
CA LYS A 197 -17.68 -15.40 -2.17
C LYS A 197 -17.80 -15.57 -3.68
N MET A 198 -19.02 -15.78 -4.16
CA MET A 198 -19.28 -16.11 -5.55
C MET A 198 -19.94 -14.94 -6.25
N PHE A 199 -19.41 -14.58 -7.43
CA PHE A 199 -19.93 -13.47 -8.21
C PHE A 199 -20.57 -14.00 -9.49
N ASP A 200 -21.85 -13.66 -9.68
CA ASP A 200 -22.59 -14.00 -10.88
C ASP A 200 -22.88 -12.71 -11.65
N VAL A 201 -22.50 -12.68 -12.92
CA VAL A 201 -22.59 -11.47 -13.73
C VAL A 201 -23.35 -11.79 -15.01
N GLY A 202 -24.27 -12.76 -14.92
CA GLY A 202 -25.04 -13.15 -16.09
C GLY A 202 -26.03 -12.10 -16.56
N GLY A 203 -26.46 -11.20 -15.67
CA GLY A 203 -27.42 -10.18 -16.03
C GLY A 203 -26.79 -8.86 -16.42
N GLN A 204 -25.68 -8.91 -17.16
CA GLN A 204 -24.98 -7.70 -17.57
C GLN A 204 -25.45 -7.21 -18.94
N ARG A 205 -25.32 -8.07 -19.96
CA ARG A 205 -25.77 -7.77 -21.32
C ARG A 205 -25.06 -6.55 -21.88
N SER A 206 -23.74 -6.65 -21.97
CA SER A 206 -22.91 -5.60 -22.55
C SER A 206 -21.69 -6.25 -23.18
N GLU A 207 -20.75 -5.42 -23.62
CA GLU A 207 -19.50 -5.93 -24.19
C GLU A 207 -18.62 -6.47 -23.06
N ARG A 208 -18.16 -7.70 -23.23
CA ARG A 208 -17.43 -8.37 -22.16
C ARG A 208 -16.00 -7.84 -22.03
N LYS A 209 -15.42 -7.33 -23.12
CA LYS A 209 -14.02 -6.93 -23.11
C LYS A 209 -13.77 -5.62 -22.38
N LYS A 210 -14.81 -4.89 -22.00
CA LYS A 210 -14.65 -3.61 -21.33
C LYS A 210 -14.70 -3.71 -19.80
N TRP A 211 -15.03 -4.87 -19.25
CA TRP A 211 -15.09 -5.01 -17.80
C TRP A 211 -14.58 -6.36 -17.30
N ILE A 212 -14.02 -7.21 -18.18
CA ILE A 212 -13.54 -8.51 -17.73
C ILE A 212 -12.28 -8.36 -16.88
N HIS A 213 -11.44 -7.35 -17.17
CA HIS A 213 -10.19 -7.19 -16.46
C HIS A 213 -10.37 -6.85 -14.99
N CYS A 214 -11.59 -6.50 -14.57
CA CYS A 214 -11.86 -6.33 -13.15
C CYS A 214 -11.67 -7.64 -12.39
N PHE A 215 -11.97 -8.77 -13.01
CA PHE A 215 -11.80 -10.07 -12.38
C PHE A 215 -10.46 -10.71 -12.73
N GLU A 216 -9.38 -9.95 -12.57
CA GLU A 216 -8.06 -10.46 -12.92
C GLU A 216 -7.44 -11.31 -11.81
N GLY A 217 -7.89 -11.15 -10.57
CA GLY A 217 -7.30 -11.87 -9.47
C GLY A 217 -8.26 -12.79 -8.74
N VAL A 218 -9.13 -13.46 -9.50
CA VAL A 218 -10.10 -14.39 -8.93
C VAL A 218 -9.42 -15.74 -8.76
N THR A 219 -9.78 -16.44 -7.67
CA THR A 219 -9.17 -17.73 -7.39
C THR A 219 -9.57 -18.77 -8.44
N ALA A 220 -10.84 -18.81 -8.82
CA ALA A 220 -11.30 -19.83 -9.76
C ALA A 220 -12.51 -19.35 -10.54
N ILE A 221 -12.67 -19.92 -11.73
CA ILE A 221 -13.82 -19.68 -12.58
C ILE A 221 -14.65 -20.97 -12.64
N ILE A 222 -15.93 -20.85 -12.32
CA ILE A 222 -16.86 -21.98 -12.36
C ILE A 222 -17.69 -21.84 -13.63
N PHE A 223 -17.51 -22.76 -14.55
CA PHE A 223 -18.22 -22.77 -15.82
C PHE A 223 -19.29 -23.86 -15.78
N CYS A 224 -20.49 -23.51 -16.25
CA CYS A 224 -21.62 -24.42 -16.28
C CYS A 224 -22.04 -24.65 -17.72
N VAL A 225 -22.20 -25.92 -18.09
CA VAL A 225 -22.64 -26.29 -19.43
C VAL A 225 -23.79 -27.28 -19.31
N ALA A 226 -24.91 -26.96 -19.95
CA ALA A 226 -26.05 -27.87 -20.03
C ALA A 226 -25.90 -28.71 -21.30
N LEU A 227 -25.48 -29.96 -21.13
CA LEU A 227 -25.19 -30.83 -22.25
C LEU A 227 -26.42 -31.47 -22.86
N SER A 228 -27.60 -31.19 -22.31
CA SER A 228 -28.86 -31.62 -22.91
C SER A 228 -29.34 -30.68 -24.00
N ASP A 229 -28.47 -29.81 -24.51
CA ASP A 229 -28.80 -28.85 -25.56
C ASP A 229 -28.04 -29.16 -26.84
N TYR A 230 -27.60 -30.40 -27.01
CA TYR A 230 -26.94 -30.81 -28.24
C TYR A 230 -27.91 -30.85 -29.42
N ASP A 231 -29.21 -30.99 -29.15
CA ASP A 231 -30.24 -31.04 -30.18
C ASP A 231 -30.98 -29.72 -30.35
N LEU A 232 -31.07 -28.93 -29.29
CA LEU A 232 -31.79 -27.66 -29.35
C LEU A 232 -31.08 -26.69 -30.30
N VAL A 233 -31.81 -25.64 -30.66
CA VAL A 233 -31.29 -24.58 -31.52
C VAL A 233 -31.66 -23.24 -30.88
N LEU A 234 -30.85 -22.23 -31.18
CA LEU A 234 -31.09 -20.91 -30.62
C LEU A 234 -32.32 -20.26 -31.24
N ALA A 235 -32.93 -19.34 -30.48
CA ALA A 235 -34.11 -18.65 -30.98
C ALA A 235 -33.76 -17.68 -32.11
N GLU A 236 -32.59 -17.05 -32.03
CA GLU A 236 -32.21 -16.05 -33.02
C GLU A 236 -32.03 -16.68 -34.41
N ASP A 237 -31.37 -17.83 -34.48
CA ASP A 237 -31.11 -18.48 -35.75
C ASP A 237 -31.40 -19.96 -35.64
N GLU A 238 -32.02 -20.53 -36.67
CA GLU A 238 -32.34 -21.95 -36.72
C GLU A 238 -31.18 -22.79 -37.27
N GLU A 239 -30.14 -22.16 -37.79
CA GLU A 239 -29.00 -22.87 -38.35
C GLU A 239 -27.90 -23.14 -37.32
N MET A 240 -27.81 -22.29 -36.30
CA MET A 240 -26.70 -22.32 -35.35
C MET A 240 -27.22 -22.81 -33.99
N ASN A 241 -26.50 -23.79 -33.42
CA ASN A 241 -26.94 -24.48 -32.22
C ASN A 241 -26.24 -23.94 -30.97
N ARG A 242 -26.80 -24.30 -29.81
CA ARG A 242 -26.37 -23.72 -28.54
C ARG A 242 -25.01 -24.27 -28.09
N MET A 243 -24.75 -25.54 -28.37
CA MET A 243 -23.50 -26.15 -27.90
C MET A 243 -22.28 -25.48 -28.52
N HIS A 244 -22.38 -25.08 -29.79
CA HIS A 244 -21.27 -24.36 -30.42
C HIS A 244 -21.05 -23.00 -29.77
N GLU A 245 -22.13 -22.32 -29.38
CA GLU A 245 -21.98 -21.07 -28.62
C GLU A 245 -21.28 -21.31 -27.29
N SER A 246 -21.66 -22.38 -26.58
CA SER A 246 -20.98 -22.70 -25.33
C SER A 246 -19.50 -22.97 -25.57
N MET A 247 -19.18 -23.73 -26.62
CA MET A 247 -17.78 -24.05 -26.90
C MET A 247 -16.98 -22.80 -27.25
N LYS A 248 -17.54 -21.90 -28.07
CA LYS A 248 -16.79 -20.71 -28.43
C LYS A 248 -16.65 -19.75 -27.26
N LEU A 249 -17.66 -19.66 -26.40
CA LEU A 249 -17.52 -18.84 -25.20
C LEU A 249 -16.44 -19.41 -24.28
N PHE A 250 -16.41 -20.74 -24.13
CA PHE A 250 -15.36 -21.36 -23.33
C PHE A 250 -13.99 -21.11 -23.94
N ASP A 251 -13.88 -21.17 -25.26
CA ASP A 251 -12.61 -20.89 -25.92
C ASP A 251 -12.17 -19.45 -25.69
N SER A 252 -13.11 -18.51 -25.78
CA SER A 252 -12.77 -17.10 -25.57
C SER A 252 -12.33 -16.84 -24.14
N ILE A 253 -13.02 -17.44 -23.15
CA ILE A 253 -12.67 -17.20 -21.76
C ILE A 253 -11.34 -17.88 -21.41
N CYS A 254 -11.14 -19.11 -21.89
CA CYS A 254 -9.96 -19.87 -21.49
C CYS A 254 -8.66 -19.24 -22.00
N ASN A 255 -8.66 -18.76 -23.24
CA ASN A 255 -7.46 -18.22 -23.87
C ASN A 255 -7.38 -16.70 -23.77
N ASN A 256 -7.91 -16.13 -22.70
CA ASN A 256 -7.86 -14.69 -22.51
C ASN A 256 -6.53 -14.28 -21.89
N LYS A 257 -6.15 -13.03 -22.12
CA LYS A 257 -4.86 -12.53 -21.64
C LYS A 257 -4.84 -12.23 -20.15
N TRP A 258 -6.00 -12.22 -19.49
CA TRP A 258 -6.06 -11.96 -18.06
C TRP A 258 -6.21 -13.22 -17.23
N PHE A 259 -6.48 -14.36 -17.85
CA PHE A 259 -6.71 -15.62 -17.16
C PHE A 259 -5.71 -16.68 -17.57
N THR A 260 -4.43 -16.30 -17.66
CA THR A 260 -3.40 -17.25 -18.07
C THR A 260 -3.17 -18.33 -17.00
N ASP A 261 -3.29 -17.97 -15.73
CA ASP A 261 -3.01 -18.88 -14.62
C ASP A 261 -4.21 -18.97 -13.69
N THR A 262 -5.39 -19.17 -14.26
CA THR A 262 -6.63 -19.27 -13.50
C THR A 262 -7.25 -20.64 -13.72
N SER A 263 -7.64 -21.30 -12.63
CA SER A 263 -8.25 -22.61 -12.72
C SER A 263 -9.71 -22.52 -13.11
N ILE A 264 -10.16 -23.51 -13.88
CA ILE A 264 -11.53 -23.57 -14.39
C ILE A 264 -12.14 -24.88 -13.93
N ILE A 265 -13.32 -24.78 -13.31
CA ILE A 265 -14.08 -25.93 -12.84
C ILE A 265 -15.31 -26.05 -13.71
N LEU A 266 -15.39 -27.13 -14.49
CA LEU A 266 -16.44 -27.31 -15.48
C LEU A 266 -17.49 -28.28 -14.93
N PHE A 267 -18.68 -27.76 -14.67
CA PHE A 267 -19.82 -28.59 -14.29
C PHE A 267 -20.71 -28.80 -15.51
N LEU A 268 -20.90 -30.07 -15.88
CA LEU A 268 -21.85 -30.46 -16.91
C LEU A 268 -23.14 -30.89 -16.22
N ASN A 269 -24.24 -30.26 -16.56
CA ASN A 269 -25.47 -30.32 -15.78
C ASN A 269 -26.50 -31.22 -16.43
N LYS A 270 -27.46 -31.66 -15.61
CA LYS A 270 -28.65 -32.42 -16.00
C LYS A 270 -28.31 -33.55 -16.97
N LYS A 271 -27.55 -34.50 -16.45
CA LYS A 271 -27.20 -35.70 -17.23
C LYS A 271 -28.37 -36.66 -17.37
N ASP A 272 -29.34 -36.61 -16.46
CA ASP A 272 -30.46 -37.54 -16.54
C ASP A 272 -31.27 -37.31 -17.81
N LEU A 273 -31.75 -36.08 -18.02
CA LEU A 273 -32.52 -35.79 -19.22
C LEU A 273 -31.73 -36.17 -20.47
N PHE A 274 -30.40 -36.05 -20.40
CA PHE A 274 -29.55 -36.55 -21.47
C PHE A 274 -29.67 -38.05 -21.66
N GLU A 275 -29.70 -38.82 -20.56
CA GLU A 275 -29.70 -40.26 -20.72
C GLU A 275 -31.05 -40.78 -21.21
N GLU A 276 -32.15 -40.07 -20.89
CA GLU A 276 -33.40 -40.44 -21.59
C GLU A 276 -33.42 -39.94 -23.03
N LYS A 277 -32.88 -38.76 -23.31
CA LYS A 277 -33.02 -38.18 -24.64
C LYS A 277 -32.08 -38.80 -25.68
N ILE A 278 -30.98 -39.40 -25.25
CA ILE A 278 -29.97 -39.86 -26.20
C ILE A 278 -30.49 -41.01 -27.05
N LYS A 279 -31.42 -41.82 -26.51
CA LYS A 279 -31.87 -43.00 -27.24
C LYS A 279 -32.78 -42.63 -28.40
N LYS A 280 -33.63 -41.61 -28.23
CA LYS A 280 -34.50 -41.20 -29.34
C LYS A 280 -33.70 -40.53 -30.46
N SER A 281 -32.80 -39.61 -30.11
CA SER A 281 -32.05 -38.86 -31.11
C SER A 281 -30.57 -38.95 -30.81
N PRO A 282 -29.73 -39.18 -31.81
CA PRO A 282 -28.28 -39.29 -31.57
C PRO A 282 -27.63 -37.92 -31.46
N LEU A 283 -26.34 -37.95 -31.10
CA LEU A 283 -25.54 -36.73 -31.02
C LEU A 283 -24.74 -36.47 -32.29
N THR A 284 -25.01 -37.24 -33.36
CA THR A 284 -24.37 -36.98 -34.64
C THR A 284 -24.82 -35.65 -35.23
N ILE A 285 -25.96 -35.12 -34.78
CA ILE A 285 -26.46 -33.84 -35.28
C ILE A 285 -25.47 -32.73 -34.96
N CYS A 286 -24.93 -32.72 -33.75
CA CYS A 286 -23.97 -31.69 -33.36
C CYS A 286 -22.60 -31.92 -34.00
N TYR A 287 -22.02 -33.10 -33.76
CA TYR A 287 -20.72 -33.42 -34.30
C TYR A 287 -20.87 -34.42 -35.43
N PRO A 288 -20.64 -34.03 -36.69
CA PRO A 288 -20.80 -34.97 -37.80
C PRO A 288 -19.59 -35.87 -38.03
N GLU A 289 -18.67 -35.91 -37.05
CA GLU A 289 -17.46 -36.73 -37.18
C GLU A 289 -17.33 -37.71 -36.02
N TYR A 290 -18.46 -38.11 -35.42
CA TYR A 290 -18.45 -39.01 -34.27
C TYR A 290 -18.93 -40.39 -34.69
N ALA A 291 -18.18 -41.41 -34.27
CA ALA A 291 -18.57 -42.80 -34.45
C ALA A 291 -18.34 -43.53 -33.13
N GLY A 292 -19.42 -44.03 -32.54
CA GLY A 292 -19.31 -44.66 -31.24
C GLY A 292 -20.55 -45.48 -30.93
N SER A 293 -20.55 -46.04 -29.72
CA SER A 293 -21.62 -46.93 -29.28
C SER A 293 -22.94 -46.21 -29.05
N ASN A 294 -22.95 -44.88 -29.03
CA ASN A 294 -24.16 -44.09 -28.79
C ASN A 294 -24.81 -44.48 -27.47
N THR A 295 -24.01 -44.43 -26.40
CA THR A 295 -24.46 -44.74 -25.06
C THR A 295 -24.23 -43.54 -24.14
N TYR A 296 -24.57 -43.71 -22.86
CA TYR A 296 -24.41 -42.62 -21.90
C TYR A 296 -22.95 -42.32 -21.61
N GLU A 297 -22.10 -43.34 -21.62
CA GLU A 297 -20.69 -43.18 -21.25
C GLU A 297 -19.86 -42.62 -22.41
N GLU A 298 -20.01 -43.20 -23.59
CA GLU A 298 -19.19 -42.77 -24.74
C GLU A 298 -19.47 -41.33 -25.12
N ALA A 299 -20.76 -40.95 -25.15
CA ALA A 299 -21.11 -39.57 -25.50
C ALA A 299 -20.58 -38.58 -24.48
N ALA A 300 -20.71 -38.91 -23.19
CA ALA A 300 -20.20 -38.03 -22.15
C ALA A 300 -18.68 -37.88 -22.25
N ALA A 301 -17.97 -39.00 -22.49
CA ALA A 301 -16.53 -38.94 -22.65
C ALA A 301 -16.14 -38.09 -23.85
N TYR A 302 -16.86 -38.25 -24.96
CA TYR A 302 -16.57 -37.44 -26.15
C TYR A 302 -16.79 -35.97 -25.88
N ILE A 303 -17.88 -35.62 -25.20
CA ILE A 303 -18.17 -34.21 -24.90
C ILE A 303 -17.07 -33.63 -24.00
N GLN A 304 -16.67 -34.39 -22.97
CA GLN A 304 -15.64 -33.92 -22.06
C GLN A 304 -14.31 -33.75 -22.80
N CYS A 305 -13.97 -34.69 -23.68
CA CYS A 305 -12.73 -34.57 -24.45
C CYS A 305 -12.76 -33.35 -25.37
N GLN A 306 -13.91 -33.12 -26.02
CA GLN A 306 -14.03 -31.97 -26.90
C GLN A 306 -13.88 -30.66 -26.12
N PHE A 307 -14.47 -30.58 -24.93
CA PHE A 307 -14.38 -29.37 -24.13
C PHE A 307 -12.95 -29.16 -23.62
N GLU A 308 -12.31 -30.22 -23.15
CA GLU A 308 -10.98 -30.09 -22.54
C GLU A 308 -9.86 -29.93 -23.56
N ASP A 309 -10.13 -30.12 -24.85
CA ASP A 309 -9.11 -29.98 -25.87
C ASP A 309 -8.99 -28.56 -26.40
N LEU A 310 -9.86 -27.64 -25.95
CA LEU A 310 -9.76 -26.25 -26.35
C LEU A 310 -8.66 -25.50 -25.60
N ASN A 311 -8.18 -26.06 -24.50
CA ASN A 311 -7.08 -25.45 -23.75
C ASN A 311 -5.81 -25.44 -24.59
N LYS A 312 -5.06 -24.34 -24.52
CA LYS A 312 -3.84 -24.19 -25.29
C LYS A 312 -2.62 -23.96 -24.41
N ARG A 313 -2.73 -24.13 -23.10
CA ARG A 313 -1.60 -24.00 -22.19
C ARG A 313 -1.11 -25.34 -21.69
N LYS A 314 -2.01 -26.14 -21.07
CA LYS A 314 -1.76 -27.51 -20.66
C LYS A 314 -0.71 -27.62 -19.56
N ASP A 315 -0.04 -26.53 -19.23
CA ASP A 315 0.97 -26.52 -18.17
C ASP A 315 0.62 -25.55 -17.05
N THR A 316 0.28 -24.31 -17.39
CA THR A 316 -0.04 -23.31 -16.37
C THR A 316 -1.45 -23.51 -15.83
N LYS A 317 -2.38 -23.97 -16.67
CA LYS A 317 -3.79 -24.04 -16.34
C LYS A 317 -4.24 -25.49 -16.24
N GLU A 318 -5.08 -25.77 -15.25
CA GLU A 318 -5.63 -27.10 -15.01
C GLU A 318 -7.15 -27.02 -15.00
N ILE A 319 -7.80 -27.99 -15.63
CA ILE A 319 -9.25 -28.00 -15.83
C ILE A 319 -9.83 -29.20 -15.09
N TYR A 320 -10.89 -28.96 -14.32
CA TYR A 320 -11.60 -30.01 -13.61
C TYR A 320 -12.98 -30.19 -14.23
N THR A 321 -13.43 -31.43 -14.27
CA THR A 321 -14.72 -31.79 -14.87
C THR A 321 -15.50 -32.66 -13.90
N HIS A 322 -16.82 -32.46 -13.87
CA HIS A 322 -17.68 -33.22 -12.97
C HIS A 322 -19.07 -33.31 -13.59
N PHE A 323 -19.78 -34.39 -13.26
CA PHE A 323 -21.14 -34.62 -13.71
C PHE A 323 -22.08 -34.54 -12.51
N THR A 324 -23.09 -33.69 -12.61
CA THR A 324 -24.03 -33.48 -11.51
C THR A 324 -25.45 -33.43 -12.05
N CYS A 325 -26.40 -33.80 -11.19
CA CYS A 325 -27.81 -33.75 -11.50
C CYS A 325 -28.51 -32.79 -10.53
N ALA A 326 -29.84 -32.78 -10.59
CA ALA A 326 -30.61 -31.87 -9.73
C ALA A 326 -30.42 -32.22 -8.26
N THR A 327 -30.42 -33.51 -7.92
CA THR A 327 -30.31 -33.96 -6.53
C THR A 327 -28.89 -34.47 -6.31
N ASP A 328 -28.03 -33.60 -5.77
CA ASP A 328 -26.65 -33.96 -5.48
C ASP A 328 -26.20 -33.22 -4.22
N THR A 329 -25.18 -33.78 -3.57
CA THR A 329 -24.63 -33.19 -2.35
C THR A 329 -23.10 -33.13 -2.34
N LYS A 330 -22.44 -33.52 -3.43
CA LYS A 330 -20.98 -33.65 -3.44
C LYS A 330 -20.30 -32.59 -4.30
N ASN A 331 -21.03 -31.60 -4.80
CA ASN A 331 -20.41 -30.54 -5.58
C ASN A 331 -19.54 -29.64 -4.70
N VAL A 332 -20.00 -29.37 -3.48
CA VAL A 332 -19.27 -28.49 -2.57
C VAL A 332 -17.92 -29.10 -2.22
N GLN A 333 -17.88 -30.43 -2.02
CA GLN A 333 -16.61 -31.09 -1.76
C GLN A 333 -15.66 -30.97 -2.95
N PHE A 334 -16.19 -31.08 -4.17
CA PHE A 334 -15.37 -30.94 -5.36
C PHE A 334 -14.74 -29.56 -5.44
N VAL A 335 -15.56 -28.51 -5.26
CA VAL A 335 -15.01 -27.16 -5.33
C VAL A 335 -14.05 -26.92 -4.16
N PHE A 336 -14.31 -27.53 -3.00
CA PHE A 336 -13.40 -27.40 -1.87
C PHE A 336 -12.03 -27.97 -2.18
N ASP A 337 -11.99 -29.16 -2.78
CA ASP A 337 -10.72 -29.78 -3.16
C ASP A 337 -9.99 -28.92 -4.19
N ALA A 338 -10.72 -28.43 -5.19
CA ALA A 338 -10.10 -27.60 -6.22
C ALA A 338 -9.47 -26.34 -5.62
N VAL A 339 -10.23 -25.63 -4.76
CA VAL A 339 -9.70 -24.40 -4.20
C VAL A 339 -8.57 -24.69 -3.23
N THR A 340 -8.59 -25.83 -2.53
CA THR A 340 -7.46 -26.18 -1.67
C THR A 340 -6.20 -26.39 -2.49
N ASP A 341 -6.31 -27.07 -3.63
CA ASP A 341 -5.15 -27.25 -4.51
C ASP A 341 -4.63 -25.90 -5.00
N VAL A 342 -5.54 -25.00 -5.40
CA VAL A 342 -5.11 -23.69 -5.88
C VAL A 342 -4.42 -22.91 -4.78
N ILE A 343 -4.95 -22.98 -3.55
CA ILE A 343 -4.34 -22.27 -2.42
C ILE A 343 -2.94 -22.79 -2.15
N ILE A 344 -2.77 -24.12 -2.16
CA ILE A 344 -1.45 -24.70 -1.91
C ILE A 344 -0.47 -24.26 -2.98
N LYS A 345 -0.89 -24.27 -4.25
CA LYS A 345 0.00 -23.83 -5.32
C LYS A 345 0.37 -22.37 -5.17
N ASN A 346 -0.59 -21.52 -4.80
CA ASN A 346 -0.30 -20.10 -4.64
C ASN A 346 0.69 -19.86 -3.49
N ASN A 347 0.50 -20.56 -2.37
CA ASN A 347 1.45 -20.41 -1.27
C ASN A 347 2.83 -20.91 -1.66
N LEU A 348 2.92 -21.99 -2.43
CA LEU A 348 4.22 -22.45 -2.90
C LEU A 348 4.89 -21.43 -3.79
N LYS A 349 4.12 -20.78 -4.67
CA LYS A 349 4.68 -19.75 -5.54
C LYS A 349 5.14 -18.54 -4.74
N ASP A 350 4.39 -18.18 -3.68
CA ASP A 350 4.72 -16.98 -2.92
C ASP A 350 6.07 -17.10 -2.20
N CYS A 351 6.43 -18.31 -1.79
CA CYS A 351 7.66 -18.53 -1.04
C CYS A 351 8.88 -18.72 -1.93
N GLY A 352 8.72 -18.67 -3.25
CA GLY A 352 9.84 -18.88 -4.15
C GLY A 352 10.29 -20.31 -4.28
N LEU A 353 9.51 -21.27 -3.76
CA LEU A 353 9.87 -22.67 -3.77
C LEU A 353 9.16 -23.42 -4.91
N PHE A 354 8.49 -22.70 -5.78
CA PHE A 354 7.81 -23.30 -6.93
C PHE A 354 8.34 -22.70 -8.22
N GLY B 17 -37.88 -4.32 -48.47
CA GLY B 17 -38.84 -3.62 -49.30
C GLY B 17 -38.26 -2.45 -50.06
N SER B 18 -39.01 -1.94 -51.04
CA SER B 18 -38.55 -0.80 -51.82
C SER B 18 -38.43 0.46 -50.98
N GLU B 19 -39.33 0.65 -50.02
CA GLU B 19 -39.26 1.83 -49.16
C GLU B 19 -37.99 1.84 -48.33
N LEU B 20 -37.61 0.69 -47.78
CA LEU B 20 -36.37 0.62 -47.01
C LEU B 20 -35.16 0.91 -47.88
N ASP B 21 -35.15 0.38 -49.11
CA ASP B 21 -34.03 0.63 -50.02
C ASP B 21 -33.94 2.11 -50.37
N GLN B 22 -35.08 2.74 -50.65
CA GLN B 22 -35.05 4.16 -51.02
C GLN B 22 -34.66 5.03 -49.83
N LEU B 23 -35.07 4.64 -48.61
CA LEU B 23 -34.65 5.39 -47.44
C LEU B 23 -33.15 5.24 -47.18
N ARG B 24 -32.61 4.04 -47.40
CA ARG B 24 -31.17 3.85 -47.27
C ARG B 24 -30.41 4.65 -48.32
N GLN B 25 -30.94 4.70 -49.54
CA GLN B 25 -30.32 5.51 -50.59
C GLN B 25 -30.34 6.99 -50.22
N GLU B 26 -31.46 7.46 -49.66
CA GLU B 26 -31.54 8.85 -49.22
C GLU B 26 -30.54 9.13 -48.10
N ALA B 27 -30.38 8.20 -47.17
CA ALA B 27 -29.40 8.37 -46.10
C ALA B 27 -27.98 8.42 -46.66
N GLU B 28 -27.67 7.56 -47.63
CA GLU B 28 -26.36 7.58 -48.26
C GLU B 28 -26.12 8.90 -48.99
N GLN B 29 -27.14 9.41 -49.68
CA GLN B 29 -27.02 10.69 -50.37
C GLN B 29 -26.81 11.83 -49.38
N LEU B 30 -27.50 11.81 -48.23
CA LEU B 30 -27.28 12.82 -47.21
C LEU B 30 -25.87 12.74 -46.65
N LYS B 31 -25.36 11.53 -46.43
CA LYS B 31 -23.98 11.37 -45.96
C LYS B 31 -23.01 11.95 -46.98
N ASN B 32 -23.24 11.67 -48.27
CA ASN B 32 -22.38 12.22 -49.31
C ASN B 32 -22.44 13.74 -49.36
N GLN B 33 -23.63 14.30 -49.19
CA GLN B 33 -23.78 15.75 -49.17
C GLN B 33 -23.03 16.36 -47.98
N ILE B 34 -23.13 15.72 -46.81
CA ILE B 34 -22.42 16.20 -45.63
C ILE B 34 -20.91 16.15 -45.86
N ARG B 35 -20.43 15.06 -46.44
CA ARG B 35 -19.01 14.94 -46.73
C ARG B 35 -18.54 16.02 -47.71
N ASP B 36 -19.33 16.28 -48.75
CA ASP B 36 -18.99 17.32 -49.71
C ASP B 36 -18.97 18.70 -49.07
N ALA B 37 -19.95 18.98 -48.21
CA ALA B 37 -19.99 20.27 -47.52
C ALA B 37 -18.78 20.42 -46.60
N ARG B 38 -18.41 19.35 -45.90
CA ARG B 38 -17.23 19.40 -45.03
C ARG B 38 -15.97 19.63 -45.85
N LYS B 39 -15.86 18.98 -47.02
CA LYS B 39 -14.69 19.18 -47.87
C LYS B 39 -14.67 20.57 -48.48
N ALA B 40 -15.83 21.19 -48.65
CA ALA B 40 -15.88 22.53 -49.26
C ALA B 40 -15.19 23.57 -48.38
N CYS B 41 -15.37 23.49 -47.06
CA CYS B 41 -14.82 24.49 -46.16
C CYS B 41 -13.38 24.23 -45.78
N ALA B 42 -12.77 23.15 -46.27
CA ALA B 42 -11.38 22.83 -45.96
C ALA B 42 -10.50 23.53 -46.98
N ASP B 43 -9.99 24.71 -46.60
CA ASP B 43 -9.13 25.50 -47.48
C ASP B 43 -7.66 25.34 -47.19
N ALA B 44 -7.27 25.29 -45.91
CA ALA B 44 -5.87 25.14 -45.52
C ALA B 44 -5.80 24.17 -44.35
N THR B 45 -4.59 23.99 -43.83
CA THR B 45 -4.35 23.13 -42.68
C THR B 45 -3.63 23.91 -41.60
N LEU B 46 -3.81 23.47 -40.36
CA LEU B 46 -3.14 24.12 -39.23
C LEU B 46 -1.63 23.98 -39.31
N SER B 47 -1.15 22.87 -39.87
CA SER B 47 0.29 22.60 -39.88
C SER B 47 1.05 23.65 -40.68
N GLN B 48 0.51 24.03 -41.85
CA GLN B 48 1.14 25.10 -42.62
C GLN B 48 1.08 26.42 -41.88
N ILE B 49 -0.06 26.73 -41.26
CA ILE B 49 -0.23 28.02 -40.60
C ILE B 49 0.63 28.10 -39.35
N THR B 50 0.75 27.00 -38.61
CA THR B 50 1.50 26.99 -37.35
C THR B 50 2.99 26.72 -37.57
N ASN B 51 3.45 26.72 -38.82
CA ASN B 51 4.86 26.46 -39.09
C ASN B 51 5.75 27.56 -38.50
N ASN B 52 5.30 28.81 -38.57
CA ASN B 52 6.14 29.95 -38.21
C ASN B 52 6.23 30.19 -36.71
N ILE B 53 5.31 29.62 -35.92
CA ILE B 53 5.33 29.90 -34.48
C ILE B 53 6.54 29.22 -33.85
N ASP B 54 7.03 29.81 -32.76
CA ASP B 54 8.22 29.28 -32.10
C ASP B 54 7.89 27.97 -31.39
N PRO B 55 8.75 26.96 -31.50
CA PRO B 55 8.48 25.67 -30.85
C PRO B 55 8.55 25.79 -29.33
N VAL B 56 7.82 24.92 -28.67
CA VAL B 56 7.78 24.88 -27.21
C VAL B 56 9.03 24.20 -26.70
N GLY B 57 9.67 24.81 -25.70
CA GLY B 57 10.88 24.24 -25.15
C GLY B 57 10.61 22.88 -24.52
N ARG B 58 11.61 22.00 -24.60
CA ARG B 58 11.50 20.68 -24.00
C ARG B 58 11.26 20.80 -22.50
N ILE B 59 10.27 20.06 -22.01
CA ILE B 59 9.71 20.25 -20.68
C ILE B 59 10.08 19.07 -19.80
N GLN B 60 10.54 19.38 -18.58
CA GLN B 60 10.75 18.37 -17.54
C GLN B 60 9.85 18.67 -16.36
N MET B 61 9.12 17.65 -15.91
CA MET B 61 8.28 17.74 -14.73
C MET B 61 8.77 16.70 -13.72
N ARG B 62 8.58 17.03 -12.43
CA ARG B 62 9.06 16.18 -11.36
C ARG B 62 7.92 15.83 -10.42
N THR B 63 8.05 14.66 -9.79
CA THR B 63 7.05 14.21 -8.82
C THR B 63 7.28 14.90 -7.48
N ARG B 64 6.29 15.66 -7.04
CA ARG B 64 6.42 16.39 -5.77
C ARG B 64 5.91 15.55 -4.59
N ARG B 65 4.67 15.09 -4.67
CA ARG B 65 4.06 14.30 -3.62
C ARG B 65 3.62 12.95 -4.16
N THR B 66 3.73 11.92 -3.31
CA THR B 66 3.22 10.60 -3.60
C THR B 66 2.16 10.23 -2.57
N LEU B 67 1.07 9.64 -3.03
CA LEU B 67 -0.09 9.33 -2.19
C LEU B 67 -0.24 7.82 -2.11
N ARG B 68 -0.29 7.29 -0.89
CA ARG B 68 -0.40 5.86 -0.66
C ARG B 68 -1.45 5.58 0.40
N GLY B 69 -1.98 4.36 0.36
CA GLY B 69 -3.02 3.96 1.30
C GLY B 69 -4.03 3.02 0.68
N HIS B 70 -4.12 3.01 -0.64
CA HIS B 70 -4.99 2.07 -1.32
C HIS B 70 -4.35 0.68 -1.32
N LEU B 71 -5.18 -0.33 -1.60
CA LEU B 71 -4.73 -1.72 -1.56
C LEU B 71 -5.22 -2.50 -2.78
N ALA B 72 -5.49 -1.81 -3.88
CA ALA B 72 -5.98 -2.43 -5.11
C ALA B 72 -5.79 -1.43 -6.24
N LYS B 73 -6.34 -1.76 -7.41
CA LYS B 73 -6.25 -0.86 -8.55
C LYS B 73 -7.07 0.39 -8.32
N ILE B 74 -6.63 1.50 -8.92
CA ILE B 74 -7.27 2.79 -8.78
C ILE B 74 -7.90 3.13 -10.13
N TYR B 75 -9.22 3.36 -10.12
CA TYR B 75 -9.95 3.54 -11.38
C TYR B 75 -10.38 4.96 -11.65
N ALA B 76 -10.65 5.77 -10.62
CA ALA B 76 -11.18 7.10 -10.82
C ALA B 76 -10.44 8.10 -9.96
N MET B 77 -10.43 9.35 -10.41
CA MET B 77 -9.80 10.45 -9.69
C MET B 77 -10.34 11.76 -10.24
N HIS B 78 -10.80 12.65 -9.37
CA HIS B 78 -11.35 13.92 -9.80
C HIS B 78 -10.92 15.01 -8.83
N TRP B 79 -10.50 16.15 -9.38
CA TRP B 79 -10.04 17.28 -8.60
C TRP B 79 -11.22 18.07 -8.03
N GLY B 80 -10.91 18.96 -7.08
CA GLY B 80 -11.87 19.90 -6.58
C GLY B 80 -11.71 21.27 -7.22
N THR B 81 -12.64 22.16 -6.91
CA THR B 81 -12.61 23.52 -7.43
C THR B 81 -11.68 24.43 -6.64
N ASP B 82 -11.23 24.00 -5.46
CA ASP B 82 -10.26 24.77 -4.68
C ASP B 82 -8.82 24.35 -4.96
N SER B 83 -8.61 23.37 -5.82
CA SER B 83 -7.28 22.93 -6.24
C SER B 83 -6.43 22.45 -5.06
N ARG B 84 -7.07 21.92 -4.02
CA ARG B 84 -6.34 21.41 -2.87
C ARG B 84 -6.80 20.01 -2.49
N LEU B 85 -8.08 19.71 -2.68
CA LEU B 85 -8.65 18.43 -2.31
C LEU B 85 -8.94 17.59 -3.54
N LEU B 86 -8.83 16.27 -3.38
CA LEU B 86 -9.14 15.36 -4.48
C LEU B 86 -9.79 14.11 -3.91
N VAL B 87 -10.39 13.32 -4.79
CA VAL B 87 -11.08 12.08 -4.41
C VAL B 87 -10.55 10.95 -5.29
N SER B 88 -10.36 9.78 -4.67
CA SER B 88 -9.83 8.61 -5.36
C SER B 88 -10.71 7.40 -5.07
N ALA B 89 -10.89 6.58 -6.12
CA ALA B 89 -11.75 5.41 -6.07
C ALA B 89 -10.96 4.16 -6.46
N SER B 90 -11.08 3.11 -5.65
CA SER B 90 -10.41 1.85 -5.88
C SER B 90 -11.41 0.71 -5.68
N GLN B 91 -11.01 -0.48 -6.13
CA GLN B 91 -11.87 -1.66 -6.05
C GLN B 91 -11.65 -2.44 -4.77
N ASP B 92 -11.19 -1.79 -3.71
CA ASP B 92 -11.12 -2.40 -2.39
C ASP B 92 -12.29 -1.98 -1.50
N GLY B 93 -13.28 -1.28 -2.06
CA GLY B 93 -14.45 -0.86 -1.31
C GLY B 93 -14.33 0.45 -0.59
N LYS B 94 -13.36 1.30 -0.95
CA LYS B 94 -13.13 2.56 -0.27
C LYS B 94 -13.09 3.71 -1.25
N LEU B 95 -13.58 4.87 -0.80
CA LEU B 95 -13.49 6.13 -1.53
C LEU B 95 -12.78 7.12 -0.62
N ILE B 96 -11.63 7.61 -1.04
CA ILE B 96 -10.74 8.34 -0.13
C ILE B 96 -10.62 9.79 -0.60
N ILE B 97 -10.72 10.72 0.34
CA ILE B 97 -10.53 12.14 0.08
C ILE B 97 -9.14 12.53 0.56
N TRP B 98 -8.35 13.13 -0.33
CA TRP B 98 -6.96 13.48 -0.08
C TRP B 98 -6.78 14.99 -0.05
N ASP B 99 -5.94 15.45 0.88
CA ASP B 99 -5.44 16.82 0.91
C ASP B 99 -4.03 16.80 0.34
N SER B 100 -3.85 17.42 -0.83
CA SER B 100 -2.61 17.27 -1.57
C SER B 100 -1.46 18.04 -0.91
N TYR B 101 -1.73 19.19 -0.30
CA TYR B 101 -0.65 20.02 0.21
C TYR B 101 0.11 19.34 1.33
N THR B 102 -0.59 18.68 2.25
CA THR B 102 0.04 18.06 3.41
C THR B 102 0.00 16.53 3.37
N THR B 103 -0.59 15.95 2.33
CA THR B 103 -0.70 14.49 2.17
C THR B 103 -1.36 13.88 3.42
N ASN B 104 -2.64 14.20 3.56
CA ASN B 104 -3.46 13.71 4.65
C ASN B 104 -4.74 13.11 4.09
N LYS B 105 -5.44 12.37 4.94
CA LYS B 105 -6.72 11.75 4.59
C LYS B 105 -7.82 12.40 5.43
N VAL B 106 -8.80 12.98 4.74
CA VAL B 106 -9.92 13.62 5.43
C VAL B 106 -11.06 12.64 5.69
N HIS B 107 -11.49 11.93 4.65
CA HIS B 107 -12.59 10.98 4.77
C HIS B 107 -12.27 9.70 4.02
N ALA B 108 -12.68 8.57 4.61
CA ALA B 108 -12.62 7.26 3.98
C ALA B 108 -14.03 6.69 4.01
N ILE B 109 -14.68 6.66 2.86
CA ILE B 109 -16.09 6.27 2.74
C ILE B 109 -16.14 4.81 2.32
N PRO B 110 -16.73 3.92 3.12
CA PRO B 110 -16.95 2.55 2.67
C PRO B 110 -18.13 2.47 1.71
N LEU B 111 -18.04 1.53 0.77
CA LEU B 111 -19.05 1.36 -0.26
C LEU B 111 -19.70 -0.01 -0.15
N ARG B 112 -20.99 -0.05 -0.49
CA ARG B 112 -21.73 -1.31 -0.50
C ARG B 112 -21.31 -2.19 -1.66
N SER B 113 -20.99 -1.60 -2.81
CA SER B 113 -20.49 -2.33 -3.97
C SER B 113 -19.04 -1.92 -4.23
N SER B 114 -18.17 -2.91 -4.43
CA SER B 114 -16.75 -2.68 -4.57
C SER B 114 -16.30 -2.59 -6.03
N TRP B 115 -17.22 -2.67 -6.99
CA TRP B 115 -16.87 -2.66 -8.41
C TRP B 115 -17.12 -1.27 -8.97
N VAL B 116 -16.20 -0.36 -8.67
CA VAL B 116 -16.32 1.03 -9.09
C VAL B 116 -15.53 1.26 -10.37
N MET B 117 -16.03 2.18 -11.20
CA MET B 117 -15.31 2.61 -12.39
C MET B 117 -15.28 4.11 -12.59
N THR B 118 -15.96 4.89 -11.74
CA THR B 118 -15.99 6.34 -11.91
C THR B 118 -16.30 7.00 -10.57
N CYS B 119 -15.98 8.28 -10.49
CA CYS B 119 -16.29 9.09 -9.32
C CYS B 119 -16.32 10.55 -9.74
N ALA B 120 -17.02 11.36 -8.96
CA ALA B 120 -17.17 12.77 -9.27
C ALA B 120 -17.25 13.58 -7.99
N TYR B 121 -16.67 14.77 -8.02
CA TYR B 121 -16.65 15.69 -6.89
C TYR B 121 -17.51 16.90 -7.23
N ALA B 122 -18.43 17.24 -6.33
CA ALA B 122 -19.34 18.35 -6.59
C ALA B 122 -18.57 19.68 -6.64
N PRO B 123 -18.94 20.58 -7.55
CA PRO B 123 -18.23 21.87 -7.62
C PRO B 123 -18.30 22.69 -6.34
N SER B 124 -19.42 22.61 -5.61
CA SER B 124 -19.53 23.35 -4.36
C SER B 124 -18.62 22.73 -3.29
N GLY B 125 -18.64 21.41 -3.16
CA GLY B 125 -17.83 20.73 -2.18
C GLY B 125 -18.67 20.04 -1.12
N ASN B 126 -19.96 19.82 -1.44
CA ASN B 126 -20.89 19.24 -0.49
C ASN B 126 -21.20 17.77 -0.75
N TYR B 127 -21.01 17.29 -1.98
CA TYR B 127 -21.44 15.96 -2.37
C TYR B 127 -20.34 15.26 -3.16
N VAL B 128 -20.40 13.93 -3.15
CA VAL B 128 -19.50 13.11 -3.97
C VAL B 128 -20.31 11.97 -4.57
N ALA B 129 -20.05 11.64 -5.83
CA ALA B 129 -20.84 10.66 -6.56
C ALA B 129 -19.96 9.48 -6.99
N CYS B 130 -20.52 8.28 -6.89
CA CYS B 130 -19.80 7.07 -7.31
C CYS B 130 -20.76 6.09 -7.94
N GLY B 131 -20.21 5.08 -8.61
CA GLY B 131 -21.02 4.02 -9.19
C GLY B 131 -20.28 3.08 -10.13
N GLY B 132 -20.84 1.90 -10.37
CA GLY B 132 -20.26 0.96 -11.30
C GLY B 132 -20.72 -0.48 -11.13
N LEU B 133 -20.97 -1.17 -12.24
CA LEU B 133 -21.32 -2.60 -12.27
C LEU B 133 -22.50 -2.94 -11.36
N ASP B 134 -23.29 -1.95 -10.97
CA ASP B 134 -24.48 -2.19 -10.15
C ASP B 134 -25.66 -1.37 -10.64
N ASN B 135 -25.53 -0.65 -11.75
CA ASN B 135 -26.57 0.16 -12.38
C ASN B 135 -27.07 1.27 -11.47
N ILE B 136 -26.35 1.59 -10.39
CA ILE B 136 -26.80 2.54 -9.40
C ILE B 136 -25.73 3.61 -9.21
N CYS B 137 -26.15 4.87 -9.22
CA CYS B 137 -25.29 5.99 -8.91
C CYS B 137 -25.59 6.47 -7.50
N SER B 138 -24.59 6.47 -6.63
CA SER B 138 -24.75 6.80 -5.22
C SER B 138 -24.16 8.18 -4.95
N ILE B 139 -24.93 9.01 -4.24
CA ILE B 139 -24.54 10.35 -3.85
C ILE B 139 -24.31 10.36 -2.34
N TYR B 140 -23.17 10.89 -1.92
CA TYR B 140 -22.77 10.93 -0.53
C TYR B 140 -22.62 12.38 -0.10
N ASN B 141 -23.16 12.69 1.08
CA ASN B 141 -23.14 14.03 1.64
C ASN B 141 -22.01 14.12 2.67
N LEU B 142 -21.14 15.12 2.50
CA LEU B 142 -19.96 15.26 3.35
C LEU B 142 -20.21 16.14 4.57
N LYS B 143 -21.09 17.12 4.48
CA LYS B 143 -21.38 18.03 5.58
C LYS B 143 -22.63 17.54 6.29
N THR B 144 -22.45 16.95 7.48
CA THR B 144 -23.55 16.38 8.24
C THR B 144 -23.39 16.78 9.70
N ARG B 145 -24.51 17.11 10.36
CA ARG B 145 -24.47 17.46 11.77
C ARG B 145 -24.03 16.29 12.64
N GLU B 146 -24.38 15.07 12.24
CA GLU B 146 -24.03 13.89 13.02
C GLU B 146 -22.53 13.63 13.06
N GLY B 147 -21.78 14.19 12.12
CA GLY B 147 -20.34 14.05 12.12
C GLY B 147 -19.76 12.96 11.25
N ASN B 148 -20.57 12.34 10.39
CA ASN B 148 -20.11 11.27 9.53
C ASN B 148 -20.65 11.49 8.12
N VAL B 149 -20.36 10.56 7.22
CA VAL B 149 -20.79 10.62 5.83
C VAL B 149 -21.92 9.61 5.64
N ARG B 150 -23.01 10.05 5.01
CA ARG B 150 -24.20 9.24 4.85
C ARG B 150 -24.66 9.27 3.40
N VAL B 151 -25.43 8.25 3.03
CA VAL B 151 -25.99 8.16 1.68
C VAL B 151 -27.15 9.13 1.55
N SER B 152 -27.13 9.93 0.50
CA SER B 152 -28.22 10.88 0.25
C SER B 152 -29.18 10.44 -0.83
N ARG B 153 -28.71 9.71 -1.84
CA ARG B 153 -29.56 9.29 -2.93
C ARG B 153 -28.91 8.14 -3.68
N GLU B 154 -29.73 7.19 -4.13
CA GLU B 154 -29.29 6.07 -4.95
C GLU B 154 -30.14 6.06 -6.22
N LEU B 155 -29.61 6.62 -7.30
CA LEU B 155 -30.33 6.70 -8.57
C LEU B 155 -30.16 5.38 -9.32
N ALA B 156 -31.28 4.77 -9.69
CA ALA B 156 -31.28 3.45 -10.34
C ALA B 156 -32.29 3.48 -11.48
N GLY B 157 -31.80 3.73 -12.69
CA GLY B 157 -32.64 3.72 -13.87
C GLY B 157 -31.93 3.20 -15.11
N HIS B 158 -30.71 2.68 -14.93
CA HIS B 158 -29.90 2.19 -16.03
C HIS B 158 -29.87 0.67 -16.04
N THR B 159 -29.64 0.11 -17.22
CA THR B 159 -29.53 -1.33 -17.40
C THR B 159 -28.12 -1.78 -17.74
N GLY B 160 -27.12 -0.91 -17.56
CA GLY B 160 -25.75 -1.26 -17.82
C GLY B 160 -24.82 -0.54 -16.87
N TYR B 161 -23.55 -0.92 -16.93
CA TYR B 161 -22.56 -0.32 -16.03
C TYR B 161 -22.38 1.16 -16.34
N LEU B 162 -22.12 1.94 -15.29
CA LEU B 162 -21.94 3.38 -15.40
C LEU B 162 -20.49 3.68 -15.74
N SER B 163 -20.27 4.44 -16.81
CA SER B 163 -18.92 4.75 -17.25
C SER B 163 -18.41 6.07 -16.69
N CYS B 164 -19.23 7.11 -16.69
CA CYS B 164 -18.81 8.43 -16.22
C CYS B 164 -20.02 9.19 -15.70
N CYS B 165 -19.79 9.99 -14.66
CA CYS B 165 -20.83 10.85 -14.09
C CYS B 165 -20.22 12.20 -13.76
N ARG B 166 -20.92 13.26 -14.14
CA ARG B 166 -20.48 14.64 -13.92
C ARG B 166 -21.61 15.46 -13.34
N PHE B 167 -21.26 16.43 -12.50
CA PHE B 167 -22.22 17.31 -11.87
C PHE B 167 -22.48 18.54 -12.73
N LEU B 168 -23.73 18.98 -12.74
CA LEU B 168 -24.11 20.29 -13.27
C LEU B 168 -24.32 21.32 -12.18
N ASP B 169 -24.93 20.93 -11.07
CA ASP B 169 -25.08 21.76 -9.88
C ASP B 169 -25.32 20.81 -8.70
N ASP B 170 -25.77 21.36 -7.58
CA ASP B 170 -26.04 20.54 -6.41
C ASP B 170 -27.31 19.72 -6.51
N ASN B 171 -28.11 19.90 -7.56
CA ASN B 171 -29.36 19.16 -7.70
C ASN B 171 -29.53 18.68 -9.14
N GLN B 172 -28.43 18.44 -9.85
CA GLN B 172 -28.46 17.89 -11.19
C GLN B 172 -27.23 17.04 -11.41
N ILE B 173 -27.35 16.05 -12.30
CA ILE B 173 -26.24 15.17 -12.64
C ILE B 173 -26.51 14.57 -14.02
N VAL B 174 -25.43 14.36 -14.77
CA VAL B 174 -25.49 13.73 -16.09
C VAL B 174 -24.70 12.44 -16.03
N THR B 175 -25.27 11.37 -16.58
CA THR B 175 -24.68 10.03 -16.46
C THR B 175 -24.66 9.34 -17.80
N SER B 176 -23.58 8.59 -18.04
CA SER B 176 -23.45 7.73 -19.21
C SER B 176 -23.25 6.29 -18.76
N SER B 177 -23.90 5.37 -19.46
CA SER B 177 -23.90 3.97 -19.09
C SER B 177 -23.58 3.11 -20.31
N GLY B 178 -23.45 1.81 -20.07
CA GLY B 178 -23.22 0.84 -21.11
C GLY B 178 -24.44 0.40 -21.87
N ASP B 179 -25.61 0.94 -21.53
CA ASP B 179 -26.85 0.63 -22.23
C ASP B 179 -27.10 1.56 -23.41
N THR B 180 -26.04 2.17 -23.94
CA THR B 180 -26.02 3.01 -25.15
C THR B 180 -26.68 4.37 -24.88
N THR B 181 -27.33 4.55 -23.73
CA THR B 181 -28.12 5.75 -23.46
C THR B 181 -27.46 6.59 -22.37
N CYS B 182 -27.72 7.90 -22.43
CA CYS B 182 -27.28 8.83 -21.40
C CYS B 182 -28.50 9.43 -20.72
N ALA B 183 -28.32 9.90 -19.49
CA ALA B 183 -29.45 10.37 -18.70
C ALA B 183 -29.09 11.65 -17.95
N LEU B 184 -30.11 12.46 -17.67
CA LEU B 184 -30.01 13.63 -16.83
C LEU B 184 -30.98 13.45 -15.67
N TRP B 185 -30.50 13.65 -14.45
CA TRP B 185 -31.26 13.32 -13.25
C TRP B 185 -31.54 14.57 -12.42
N ASP B 186 -32.47 14.41 -11.49
CA ASP B 186 -32.75 15.41 -10.45
C ASP B 186 -32.59 14.72 -9.11
N ILE B 187 -31.65 15.19 -8.29
CA ILE B 187 -31.27 14.47 -7.09
C ILE B 187 -32.42 14.44 -6.09
N GLU B 188 -33.11 15.56 -5.91
CA GLU B 188 -34.17 15.61 -4.90
C GLU B 188 -35.32 14.68 -5.24
N THR B 189 -35.70 14.61 -6.52
CA THR B 189 -36.78 13.72 -6.94
C THR B 189 -36.27 12.30 -7.15
N GLY B 190 -35.34 12.12 -8.08
CA GLY B 190 -34.79 10.81 -8.37
C GLY B 190 -35.33 10.23 -9.66
N GLN B 191 -35.57 11.09 -10.64
CA GLN B 191 -36.16 10.69 -11.92
C GLN B 191 -35.33 11.27 -13.06
N GLN B 192 -35.38 10.58 -14.21
CA GLN B 192 -34.65 11.01 -15.39
C GLN B 192 -35.43 12.11 -16.09
N THR B 193 -34.91 13.33 -16.05
CA THR B 193 -35.57 14.44 -16.73
C THR B 193 -35.45 14.29 -18.25
N THR B 194 -34.25 13.98 -18.74
CA THR B 194 -34.01 13.84 -20.16
C THR B 194 -33.16 12.60 -20.42
N THR B 195 -33.44 11.93 -21.54
CA THR B 195 -32.70 10.76 -21.96
C THR B 195 -32.16 11.00 -23.36
N PHE B 196 -30.87 10.72 -23.54
CA PHE B 196 -30.18 10.94 -24.81
C PHE B 196 -29.88 9.59 -25.44
N THR B 197 -30.32 9.41 -26.69
CA THR B 197 -30.17 8.17 -27.43
C THR B 197 -29.70 8.49 -28.84
N GLY B 198 -29.07 7.51 -29.48
CA GLY B 198 -28.60 7.68 -30.84
C GLY B 198 -27.30 6.99 -31.15
N HIS B 199 -26.64 6.45 -30.13
CA HIS B 199 -25.40 5.72 -30.36
C HIS B 199 -25.71 4.30 -30.82
N THR B 200 -24.68 3.64 -31.35
CA THR B 200 -24.78 2.25 -31.78
C THR B 200 -23.90 1.32 -30.96
N GLY B 201 -23.42 1.77 -29.81
CA GLY B 201 -22.55 0.96 -28.99
C GLY B 201 -22.48 1.49 -27.58
N ASP B 202 -21.53 0.95 -26.82
CA ASP B 202 -21.33 1.38 -25.45
C ASP B 202 -20.81 2.81 -25.40
N VAL B 203 -21.08 3.47 -24.26
CA VAL B 203 -20.62 4.84 -24.01
C VAL B 203 -19.59 4.80 -22.89
N MET B 204 -18.42 5.39 -23.15
CA MET B 204 -17.30 5.33 -22.22
C MET B 204 -16.98 6.65 -21.53
N SER B 205 -17.13 7.78 -22.22
CA SER B 205 -16.72 9.05 -21.62
C SER B 205 -17.65 10.17 -22.09
N LEU B 206 -17.74 11.20 -21.25
CA LEU B 206 -18.50 12.40 -21.57
C LEU B 206 -17.73 13.61 -21.04
N SER B 207 -17.95 14.75 -21.69
CA SER B 207 -17.28 16.00 -21.31
C SER B 207 -18.30 17.13 -21.27
N LEU B 208 -18.26 17.91 -20.19
CA LEU B 208 -19.18 19.02 -19.98
C LEU B 208 -18.55 20.34 -20.42
N ALA B 209 -19.37 21.20 -21.01
CA ALA B 209 -18.90 22.52 -21.40
C ALA B 209 -18.72 23.42 -20.19
N PRO B 210 -17.79 24.37 -20.24
CA PRO B 210 -17.67 25.34 -19.14
C PRO B 210 -18.89 26.22 -18.97
N ASP B 211 -19.71 26.39 -20.01
CA ASP B 211 -20.91 27.20 -19.94
C ASP B 211 -22.12 26.45 -19.42
N THR B 212 -21.97 25.16 -19.14
CA THR B 212 -23.07 24.31 -18.65
C THR B 212 -24.25 24.34 -19.62
N ARG B 213 -23.94 24.28 -20.92
CA ARG B 213 -24.95 24.28 -21.96
C ARG B 213 -24.70 23.26 -23.07
N LEU B 214 -23.56 22.56 -23.04
CA LEU B 214 -23.23 21.56 -24.05
C LEU B 214 -22.54 20.40 -23.36
N PHE B 215 -22.64 19.22 -23.97
CA PHE B 215 -21.78 18.13 -23.53
C PHE B 215 -21.61 17.12 -24.65
N VAL B 216 -20.42 16.52 -24.70
CA VAL B 216 -20.09 15.54 -25.72
C VAL B 216 -20.00 14.16 -25.09
N SER B 217 -20.27 13.15 -25.90
CA SER B 217 -20.20 11.76 -25.50
C SER B 217 -19.41 10.97 -26.54
N GLY B 218 -18.60 10.05 -26.07
CA GLY B 218 -17.80 9.23 -26.98
C GLY B 218 -18.12 7.75 -26.83
N ALA B 219 -18.29 7.06 -27.95
CA ALA B 219 -18.81 5.70 -27.91
C ALA B 219 -17.82 4.73 -28.54
N CYS B 220 -18.04 3.44 -28.28
CA CYS B 220 -17.21 2.34 -28.78
C CYS B 220 -17.44 2.05 -30.25
N ASP B 221 -18.25 2.83 -30.96
CA ASP B 221 -18.40 2.68 -32.41
C ASP B 221 -17.58 3.72 -33.17
N ALA B 222 -16.54 4.28 -32.53
CA ALA B 222 -15.70 5.31 -33.12
C ALA B 222 -16.51 6.52 -33.54
N SER B 223 -17.24 7.08 -32.57
CA SER B 223 -18.10 8.22 -32.85
C SER B 223 -18.23 9.10 -31.61
N ALA B 224 -18.19 10.41 -31.83
CA ALA B 224 -18.45 11.39 -30.80
C ALA B 224 -19.71 12.19 -31.15
N LYS B 225 -20.46 12.57 -30.12
CA LYS B 225 -21.73 13.25 -30.35
C LYS B 225 -21.86 14.44 -29.40
N LEU B 226 -22.51 15.49 -29.89
CA LEU B 226 -22.74 16.71 -29.13
C LEU B 226 -24.22 16.83 -28.77
N TRP B 227 -24.49 17.18 -27.50
CA TRP B 227 -25.84 17.24 -26.98
C TRP B 227 -26.04 18.54 -26.21
N ASP B 228 -27.30 18.98 -26.20
CA ASP B 228 -27.75 20.12 -25.41
C ASP B 228 -28.44 19.63 -24.16
N VAL B 229 -28.12 20.26 -23.03
CA VAL B 229 -28.70 19.86 -21.75
C VAL B 229 -30.21 20.13 -21.74
N ARG B 230 -30.62 21.26 -22.31
CA ARG B 230 -32.02 21.68 -22.22
C ARG B 230 -32.91 20.96 -23.23
N GLU B 231 -32.64 21.14 -24.52
CA GLU B 231 -33.52 20.61 -25.55
C GLU B 231 -33.51 19.08 -25.56
N GLY B 232 -32.32 18.49 -25.61
CA GLY B 232 -32.18 17.06 -25.51
C GLY B 232 -32.03 16.29 -26.81
N MET B 233 -31.45 16.89 -27.85
CA MET B 233 -31.20 16.19 -29.10
C MET B 233 -29.82 16.57 -29.62
N CYS B 234 -29.37 15.83 -30.63
CA CYS B 234 -27.99 15.89 -31.10
C CYS B 234 -27.86 16.87 -32.25
N ARG B 235 -26.81 17.69 -32.21
CA ARG B 235 -26.50 18.61 -33.29
C ARG B 235 -25.45 18.07 -34.26
N GLN B 236 -24.34 17.57 -33.75
CA GLN B 236 -23.21 17.17 -34.57
C GLN B 236 -22.75 15.77 -34.20
N THR B 237 -22.27 15.04 -35.21
CA THR B 237 -21.67 13.73 -35.02
C THR B 237 -20.31 13.71 -35.71
N PHE B 238 -19.29 13.29 -34.98
CA PHE B 238 -17.91 13.29 -35.47
C PHE B 238 -17.40 11.87 -35.57
N THR B 239 -16.85 11.52 -36.74
CA THR B 239 -16.24 10.24 -37.00
C THR B 239 -14.84 10.45 -37.56
N GLY B 240 -14.09 9.35 -37.64
CA GLY B 240 -12.73 9.43 -38.15
C GLY B 240 -11.80 8.46 -37.45
N HIS B 241 -12.24 7.91 -36.33
CA HIS B 241 -11.45 6.97 -35.56
C HIS B 241 -11.49 5.59 -36.22
N GLU B 242 -10.83 4.61 -35.59
CA GLU B 242 -10.85 3.25 -36.10
C GLU B 242 -11.06 2.20 -35.02
N SER B 243 -11.25 2.60 -33.76
CA SER B 243 -11.46 1.67 -32.67
C SER B 243 -12.30 2.37 -31.60
N ASP B 244 -12.34 1.79 -30.41
CA ASP B 244 -13.11 2.37 -29.31
C ASP B 244 -12.51 3.70 -28.88
N ILE B 245 -13.37 4.56 -28.35
CA ILE B 245 -12.96 5.86 -27.80
C ILE B 245 -13.01 5.76 -26.28
N ASN B 246 -11.89 6.07 -25.63
CA ASN B 246 -11.77 5.87 -24.19
C ASN B 246 -11.71 7.15 -23.38
N ALA B 247 -11.35 8.28 -23.99
CA ALA B 247 -11.27 9.53 -23.26
C ALA B 247 -11.64 10.68 -24.18
N ILE B 248 -12.13 11.77 -23.59
CA ILE B 248 -12.51 12.96 -24.33
C ILE B 248 -12.51 14.14 -23.38
N CYS B 249 -12.17 15.32 -23.90
CA CYS B 249 -12.12 16.53 -23.09
C CYS B 249 -12.18 17.75 -24.00
N PHE B 250 -12.70 18.85 -23.46
CA PHE B 250 -12.80 20.11 -24.19
C PHE B 250 -11.53 20.94 -24.11
N PHE B 251 -11.29 21.71 -25.17
CA PHE B 251 -10.35 22.80 -25.13
C PHE B 251 -10.89 23.88 -24.19
N PRO B 252 -10.03 24.61 -23.48
CA PRO B 252 -10.53 25.62 -22.53
C PRO B 252 -11.40 26.69 -23.18
N ASN B 253 -11.18 27.00 -24.45
CA ASN B 253 -12.03 27.98 -25.13
C ASN B 253 -13.47 27.48 -25.24
N GLY B 254 -13.64 26.19 -25.51
CA GLY B 254 -14.96 25.61 -25.66
C GLY B 254 -15.43 25.40 -27.09
N ASN B 255 -14.57 25.63 -28.08
CA ASN B 255 -14.93 25.47 -29.48
C ASN B 255 -14.20 24.30 -30.13
N ALA B 256 -13.55 23.44 -29.33
CA ALA B 256 -12.85 22.29 -29.85
C ALA B 256 -12.71 21.26 -28.73
N PHE B 257 -12.41 20.02 -29.12
CA PHE B 257 -12.24 18.97 -28.13
C PHE B 257 -11.28 17.92 -28.65
N ALA B 258 -10.72 17.16 -27.72
CA ALA B 258 -9.71 16.14 -28.02
C ALA B 258 -10.26 14.76 -27.70
N THR B 259 -10.00 13.82 -28.60
CA THR B 259 -10.50 12.45 -28.49
C THR B 259 -9.32 11.49 -28.48
N GLY B 260 -9.38 10.53 -27.55
CA GLY B 260 -8.39 9.47 -27.46
C GLY B 260 -9.00 8.11 -27.69
N SER B 261 -8.36 7.29 -28.52
CA SER B 261 -8.89 6.00 -28.91
C SER B 261 -7.94 4.88 -28.52
N ASP B 262 -8.32 3.65 -28.87
CA ASP B 262 -7.54 2.46 -28.57
C ASP B 262 -6.63 2.07 -29.74
N ASP B 263 -6.53 2.91 -30.75
CA ASP B 263 -5.70 2.66 -31.92
C ASP B 263 -4.39 3.44 -31.89
N ALA B 264 -3.97 3.89 -30.71
CA ALA B 264 -2.74 4.66 -30.52
C ALA B 264 -2.75 5.93 -31.35
N THR B 265 -3.79 6.73 -31.13
CA THR B 265 -4.00 7.96 -31.89
C THR B 265 -4.93 8.88 -31.14
N CYS B 266 -4.55 10.15 -31.04
CA CYS B 266 -5.42 11.21 -30.54
C CYS B 266 -5.80 12.13 -31.68
N ARG B 267 -6.99 12.73 -31.60
CA ARG B 267 -7.40 13.69 -32.63
C ARG B 267 -8.06 14.91 -32.00
N LEU B 268 -7.97 16.03 -32.71
CA LEU B 268 -8.58 17.29 -32.28
C LEU B 268 -9.68 17.66 -33.26
N PHE B 269 -10.89 17.87 -32.74
CA PHE B 269 -12.06 18.18 -33.54
C PHE B 269 -12.56 19.58 -33.22
N ASP B 270 -13.04 20.27 -34.24
CA ASP B 270 -13.57 21.62 -34.13
C ASP B 270 -15.09 21.58 -34.19
N LEU B 271 -15.73 22.48 -33.44
CA LEU B 271 -17.19 22.53 -33.40
C LEU B 271 -17.77 23.51 -34.40
N ARG B 272 -17.14 24.68 -34.58
CA ARG B 272 -17.64 25.64 -35.55
C ARG B 272 -17.57 25.10 -36.97
N ALA B 273 -16.47 24.42 -37.30
CA ALA B 273 -16.34 23.69 -38.55
C ALA B 273 -16.29 22.21 -38.24
N ASP B 274 -17.28 21.46 -38.74
CA ASP B 274 -17.42 20.04 -38.41
C ASP B 274 -16.35 19.25 -39.15
N GLN B 275 -15.14 19.30 -38.65
CA GLN B 275 -14.00 18.67 -39.31
C GLN B 275 -12.99 18.21 -38.28
N GLU B 276 -11.96 17.54 -38.76
CA GLU B 276 -10.82 17.10 -37.97
C GLU B 276 -9.62 17.99 -38.28
N LEU B 277 -8.96 18.49 -37.25
CA LEU B 277 -7.84 19.39 -37.44
C LEU B 277 -6.49 18.67 -37.43
N MET B 278 -6.15 17.97 -36.35
CA MET B 278 -4.87 17.30 -36.24
C MET B 278 -4.99 15.95 -35.55
N THR B 279 -4.03 15.09 -35.87
CA THR B 279 -3.87 13.78 -35.26
C THR B 279 -2.49 13.69 -34.61
N TYR B 280 -2.43 12.96 -33.50
CA TYR B 280 -1.21 12.78 -32.72
C TYR B 280 -0.98 11.28 -32.57
N SER B 281 0.08 10.79 -33.20
CA SER B 281 0.44 9.38 -33.15
C SER B 281 1.89 9.23 -33.55
N HIS B 282 2.54 8.21 -33.01
CA HIS B 282 3.94 7.93 -33.28
C HIS B 282 4.12 6.47 -33.64
N ASP B 283 5.21 6.18 -34.35
CA ASP B 283 5.48 4.82 -34.80
C ASP B 283 5.73 3.88 -33.62
N ASN B 284 6.42 4.36 -32.60
CA ASN B 284 6.78 3.53 -31.46
C ASN B 284 5.59 3.26 -30.52
N ILE B 285 4.47 3.93 -30.72
CA ILE B 285 3.29 3.74 -29.87
C ILE B 285 2.37 2.74 -30.55
N ILE B 286 2.11 1.61 -29.86
CA ILE B 286 1.24 0.58 -30.38
C ILE B 286 0.21 0.19 -29.32
N CYS B 287 0.12 1.00 -28.26
CA CYS B 287 -0.79 0.74 -27.16
C CYS B 287 -1.93 1.74 -27.16
N GLY B 288 -2.92 1.50 -26.30
CA GLY B 288 -4.10 2.32 -26.24
C GLY B 288 -3.92 3.57 -25.38
N ILE B 289 -4.97 4.38 -25.35
CA ILE B 289 -4.98 5.63 -24.61
C ILE B 289 -6.11 5.56 -23.59
N THR B 290 -5.79 5.87 -22.33
CA THR B 290 -6.77 5.76 -21.25
C THR B 290 -7.28 7.09 -20.73
N SER B 291 -6.52 8.18 -20.88
CA SER B 291 -6.94 9.46 -20.35
C SER B 291 -6.37 10.58 -21.22
N VAL B 292 -7.14 11.67 -21.34
CA VAL B 292 -6.74 12.84 -22.09
C VAL B 292 -7.13 14.08 -21.28
N SER B 293 -6.23 15.06 -21.24
CA SER B 293 -6.50 16.30 -20.53
C SER B 293 -5.70 17.42 -21.16
N PHE B 294 -6.13 18.65 -20.89
CA PHE B 294 -5.53 19.86 -21.42
C PHE B 294 -4.89 20.66 -20.29
N SER B 295 -4.23 21.75 -20.66
CA SER B 295 -3.65 22.69 -19.71
C SER B 295 -4.54 23.92 -19.58
N LYS B 296 -4.10 24.89 -18.78
CA LYS B 296 -4.90 26.08 -18.54
C LYS B 296 -4.97 26.96 -19.77
N SER B 297 -3.88 27.07 -20.54
CA SER B 297 -3.85 27.92 -21.72
C SER B 297 -4.17 27.18 -23.01
N GLY B 298 -4.20 25.85 -22.99
CA GLY B 298 -4.51 25.09 -24.18
C GLY B 298 -3.34 24.80 -25.09
N ARG B 299 -2.12 24.88 -24.59
CA ARG B 299 -0.93 24.61 -25.40
C ARG B 299 -0.41 23.19 -25.24
N LEU B 300 -0.59 22.59 -24.07
CA LEU B 300 -0.08 21.25 -23.77
C LEU B 300 -1.23 20.27 -23.68
N LEU B 301 -1.06 19.10 -24.29
CA LEU B 301 -2.05 18.03 -24.24
C LEU B 301 -1.41 16.83 -23.57
N LEU B 302 -2.00 16.36 -22.48
CA LEU B 302 -1.47 15.24 -21.72
C LEU B 302 -2.22 13.97 -22.06
N ALA B 303 -1.48 12.89 -22.30
CA ALA B 303 -2.08 11.62 -22.66
C ALA B 303 -1.49 10.51 -21.80
N GLY B 304 -2.34 9.58 -21.39
CA GLY B 304 -1.93 8.42 -20.60
C GLY B 304 -2.09 7.16 -21.42
N TYR B 305 -1.07 6.31 -21.40
CA TYR B 305 -1.01 5.12 -22.23
C TYR B 305 -0.91 3.87 -21.37
N ASP B 306 -1.08 2.71 -22.01
CA ASP B 306 -0.90 1.43 -21.34
C ASP B 306 0.56 1.02 -21.27
N ASP B 307 1.48 1.76 -21.89
CA ASP B 307 2.89 1.45 -21.85
C ASP B 307 3.58 1.94 -20.57
N PHE B 308 2.77 2.22 -19.54
CA PHE B 308 3.18 2.56 -18.17
C PHE B 308 3.71 3.98 -18.04
N ASN B 309 3.54 4.83 -19.05
CA ASN B 309 4.06 6.20 -19.01
C ASN B 309 3.09 7.14 -19.70
N CYS B 310 3.23 8.42 -19.40
CA CYS B 310 2.39 9.47 -19.96
C CYS B 310 3.22 10.38 -20.86
N ASN B 311 2.56 10.97 -21.85
CA ASN B 311 3.21 11.81 -22.84
C ASN B 311 2.59 13.19 -22.87
N VAL B 312 3.40 14.18 -23.25
CA VAL B 312 2.97 15.56 -23.42
C VAL B 312 3.15 15.95 -24.88
N TRP B 313 2.10 16.51 -25.47
CA TRP B 313 2.08 16.88 -26.87
C TRP B 313 1.85 18.38 -27.02
N ASP B 314 2.44 18.96 -28.05
CA ASP B 314 2.18 20.34 -28.41
C ASP B 314 0.88 20.38 -29.21
N ALA B 315 -0.10 21.13 -28.71
CA ALA B 315 -1.43 21.13 -29.32
C ALA B 315 -1.45 21.75 -30.71
N LEU B 316 -0.42 22.49 -31.08
CA LEU B 316 -0.39 23.19 -32.36
C LEU B 316 0.53 22.56 -33.39
N LYS B 317 1.74 22.15 -32.98
CA LYS B 317 2.72 21.62 -33.93
C LYS B 317 2.82 20.11 -33.91
N ALA B 318 2.13 19.43 -32.98
CA ALA B 318 2.05 17.97 -32.93
C ALA B 318 3.44 17.33 -32.76
N ASP B 319 4.23 17.90 -31.85
CA ASP B 319 5.54 17.35 -31.51
C ASP B 319 5.57 17.03 -30.02
N ARG B 320 6.09 15.85 -29.68
CA ARG B 320 6.19 15.47 -28.28
C ARG B 320 7.26 16.30 -27.58
N ALA B 321 6.93 16.78 -26.38
CA ALA B 321 7.81 17.66 -25.64
C ALA B 321 8.19 17.13 -24.26
N GLY B 322 7.68 15.97 -23.87
CA GLY B 322 8.02 15.42 -22.57
C GLY B 322 7.35 14.10 -22.24
N VAL B 323 8.01 13.30 -21.40
CA VAL B 323 7.52 12.01 -20.98
C VAL B 323 7.56 11.94 -19.46
N LEU B 324 6.44 11.55 -18.86
CA LEU B 324 6.34 11.33 -17.43
C LEU B 324 6.32 9.83 -17.18
N ALA B 325 7.38 9.31 -16.54
CA ALA B 325 7.56 7.87 -16.37
C ALA B 325 7.94 7.60 -14.92
N GLY B 326 6.94 7.26 -14.11
CA GLY B 326 7.18 6.90 -12.72
C GLY B 326 6.24 5.83 -12.21
N HIS B 327 5.47 5.23 -13.10
CA HIS B 327 4.47 4.23 -12.73
C HIS B 327 4.88 2.86 -13.22
N ASP B 328 4.62 1.83 -12.40
CA ASP B 328 4.97 0.46 -12.72
C ASP B 328 3.87 -0.27 -13.49
N ASN B 329 2.66 0.27 -13.52
CA ASN B 329 1.56 -0.39 -14.23
C ASN B 329 0.80 0.60 -15.10
N ARG B 330 -0.34 0.15 -15.65
CA ARG B 330 -1.10 0.97 -16.59
C ARG B 330 -1.61 2.25 -15.92
N VAL B 331 -1.53 3.35 -16.65
CA VAL B 331 -2.04 4.64 -16.19
C VAL B 331 -3.51 4.70 -16.53
N SER B 332 -4.36 4.88 -15.51
CA SER B 332 -5.80 4.82 -15.68
C SER B 332 -6.49 6.18 -15.64
N CYS B 333 -6.04 7.09 -14.78
CA CYS B 333 -6.71 8.37 -14.61
C CYS B 333 -5.68 9.49 -14.60
N LEU B 334 -6.03 10.60 -15.26
CA LEU B 334 -5.17 11.77 -15.37
C LEU B 334 -6.03 13.02 -15.19
N GLY B 335 -5.55 13.96 -14.40
CA GLY B 335 -6.31 15.17 -14.13
C GLY B 335 -5.40 16.37 -13.98
N VAL B 336 -5.95 17.54 -14.30
CA VAL B 336 -5.23 18.81 -14.22
C VAL B 336 -6.08 19.78 -13.39
N THR B 337 -5.44 20.49 -12.47
CA THR B 337 -6.15 21.39 -11.58
C THR B 337 -6.72 22.58 -12.34
N ASP B 338 -7.68 23.26 -11.70
CA ASP B 338 -8.32 24.40 -12.33
C ASP B 338 -7.36 25.57 -12.52
N ASP B 339 -6.41 25.74 -11.60
CA ASP B 339 -5.41 26.80 -11.74
C ASP B 339 -4.23 26.38 -12.62
N GLY B 340 -4.21 25.14 -13.10
CA GLY B 340 -3.17 24.69 -14.01
C GLY B 340 -1.78 24.66 -13.42
N MET B 341 -1.64 24.19 -12.18
CA MET B 341 -0.35 24.18 -11.50
C MET B 341 0.21 22.78 -11.27
N ALA B 342 -0.64 21.78 -11.05
CA ALA B 342 -0.19 20.42 -10.79
C ALA B 342 -0.98 19.44 -11.64
N VAL B 343 -0.41 18.26 -11.85
CA VAL B 343 -1.04 17.19 -12.61
C VAL B 343 -1.11 15.95 -11.73
N ALA B 344 -2.28 15.34 -11.63
CA ALA B 344 -2.48 14.14 -10.83
C ALA B 344 -2.64 12.94 -11.73
N THR B 345 -1.90 11.87 -11.44
CA THR B 345 -1.95 10.65 -12.22
C THR B 345 -2.17 9.46 -11.29
N GLY B 346 -2.95 8.48 -11.77
CA GLY B 346 -3.18 7.27 -11.03
C GLY B 346 -2.87 6.05 -11.89
N SER B 347 -2.78 4.90 -11.22
CA SER B 347 -2.40 3.67 -11.90
C SER B 347 -2.90 2.48 -11.09
N TRP B 348 -2.72 1.29 -11.67
CA TRP B 348 -3.09 0.04 -11.01
C TRP B 348 -2.04 -0.44 -10.01
N ASP B 349 -1.00 0.34 -9.77
CA ASP B 349 -0.03 0.05 -8.73
C ASP B 349 -0.45 0.58 -7.37
N SER B 350 -1.67 1.10 -7.25
CA SER B 350 -2.26 1.57 -5.99
C SER B 350 -1.57 2.82 -5.47
N PHE B 351 -1.00 3.64 -6.36
CA PHE B 351 -0.33 4.87 -5.98
C PHE B 351 -0.77 6.02 -6.89
N LEU B 352 -1.04 7.17 -6.28
CA LEU B 352 -1.23 8.41 -7.02
C LEU B 352 0.06 9.22 -7.01
N LYS B 353 0.20 10.08 -8.01
CA LYS B 353 1.38 10.92 -8.10
C LYS B 353 1.01 12.31 -8.59
N ILE B 354 1.57 13.32 -7.93
CA ILE B 354 1.42 14.72 -8.32
C ILE B 354 2.70 15.18 -8.98
N TRP B 355 2.59 15.71 -10.19
CA TRP B 355 3.72 16.16 -10.98
C TRP B 355 3.62 17.65 -11.22
N ASN B 356 4.76 18.32 -11.14
CA ASN B 356 4.81 19.77 -11.34
C ASN B 356 6.01 20.14 -12.22
N ALA C 7 -41.26 -1.73 -37.00
CA ALA C 7 -40.35 -0.92 -36.19
C ALA C 7 -39.17 -0.44 -37.03
N SER C 8 -38.87 -1.16 -38.10
CA SER C 8 -37.77 -0.77 -38.98
C SER C 8 -38.07 0.55 -39.68
N ILE C 9 -39.32 0.75 -40.09
CA ILE C 9 -39.69 2.00 -40.77
C ILE C 9 -39.54 3.19 -39.83
N ALA C 10 -39.90 3.01 -38.55
CA ALA C 10 -39.74 4.09 -37.59
C ALA C 10 -38.27 4.43 -37.37
N GLN C 11 -37.42 3.41 -37.26
CA GLN C 11 -35.99 3.65 -37.10
C GLN C 11 -35.41 4.37 -38.32
N ALA C 12 -35.81 3.95 -39.52
CA ALA C 12 -35.34 4.61 -40.73
C ALA C 12 -35.81 6.06 -40.79
N ARG C 13 -37.06 6.31 -40.40
CA ARG C 13 -37.56 7.69 -40.38
C ARG C 13 -36.78 8.54 -39.38
N LYS C 14 -36.49 8.00 -38.20
CA LYS C 14 -35.70 8.74 -37.22
C LYS C 14 -34.31 9.03 -37.76
N LEU C 15 -33.69 8.04 -38.42
CA LEU C 15 -32.34 8.23 -38.95
C LEU C 15 -32.33 9.31 -40.03
N VAL C 16 -33.29 9.26 -40.95
CA VAL C 16 -33.31 10.25 -42.03
C VAL C 16 -33.65 11.63 -41.48
N GLU C 17 -34.51 11.72 -40.46
CA GLU C 17 -34.79 13.02 -39.84
C GLU C 17 -33.54 13.58 -39.17
N GLN C 18 -32.79 12.73 -38.48
CA GLN C 18 -31.54 13.17 -37.86
C GLN C 18 -30.55 13.64 -38.92
N LEU C 19 -30.49 12.95 -40.05
CA LEU C 19 -29.61 13.38 -41.14
C LEU C 19 -30.08 14.71 -41.73
N LYS C 20 -31.40 14.94 -41.79
CA LYS C 20 -31.91 16.24 -42.19
C LYS C 20 -31.43 17.33 -41.24
N MET C 21 -31.57 17.09 -39.93
CA MET C 21 -31.30 18.12 -38.94
C MET C 21 -29.82 18.32 -38.65
N GLU C 22 -28.95 17.40 -39.09
CA GLU C 22 -27.52 17.51 -38.85
C GLU C 22 -26.78 18.26 -39.96
N ALA C 23 -27.45 18.57 -41.07
CA ALA C 23 -26.81 19.23 -42.20
C ALA C 23 -27.36 20.64 -42.44
N ASN C 24 -28.00 21.24 -41.44
CA ASN C 24 -28.59 22.56 -41.60
C ASN C 24 -27.99 23.56 -40.61
N ILE C 25 -26.66 23.55 -40.47
CA ILE C 25 -25.97 24.44 -39.56
C ILE C 25 -24.90 25.20 -40.33
N ASP C 26 -24.54 26.37 -39.82
CA ASP C 26 -23.52 27.20 -40.45
C ASP C 26 -22.13 26.67 -40.15
N ARG C 27 -21.25 26.72 -41.14
CA ARG C 27 -19.87 26.28 -41.02
C ARG C 27 -18.93 27.42 -41.39
N ILE C 28 -17.81 27.50 -40.68
CA ILE C 28 -16.82 28.54 -40.93
C ILE C 28 -15.56 27.89 -41.51
N LYS C 29 -14.62 28.74 -41.92
CA LYS C 29 -13.40 28.25 -42.53
C LYS C 29 -12.47 27.65 -41.48
N VAL C 30 -11.64 26.70 -41.93
CA VAL C 30 -10.65 26.09 -41.03
C VAL C 30 -9.62 27.12 -40.59
N SER C 31 -9.24 28.03 -41.50
CA SER C 31 -8.24 29.03 -41.17
C SER C 31 -8.68 29.93 -40.03
N LYS C 32 -9.96 30.32 -40.01
CA LYS C 32 -10.47 31.15 -38.93
C LYS C 32 -10.38 30.43 -37.59
N ALA C 33 -10.76 29.14 -37.56
CA ALA C 33 -10.68 28.39 -36.31
C ALA C 33 -9.24 28.24 -35.83
N ALA C 34 -8.33 27.96 -36.76
CA ALA C 34 -6.92 27.86 -36.39
C ALA C 34 -6.39 29.19 -35.85
N ALA C 35 -6.78 30.30 -36.49
CA ALA C 35 -6.35 31.61 -36.02
C ALA C 35 -6.89 31.91 -34.63
N ASP C 36 -8.16 31.56 -34.39
CA ASP C 36 -8.73 31.77 -33.07
C ASP C 36 -8.03 30.94 -32.00
N LEU C 37 -7.73 29.68 -32.31
CA LEU C 37 -7.02 28.83 -31.36
C LEU C 37 -5.64 29.40 -31.05
N MET C 38 -4.90 29.82 -32.08
CA MET C 38 -3.58 30.40 -31.86
C MET C 38 -3.67 31.69 -31.06
N ALA C 39 -4.69 32.52 -31.33
CA ALA C 39 -4.86 33.76 -30.59
C ALA C 39 -5.13 33.48 -29.13
N TYR C 40 -5.99 32.51 -28.83
CA TYR C 40 -6.28 32.18 -27.44
C TYR C 40 -5.03 31.68 -26.73
N CYS C 41 -4.28 30.78 -27.39
CA CYS C 41 -3.07 30.26 -26.78
C CYS C 41 -2.05 31.35 -26.52
N GLU C 42 -1.85 32.25 -27.49
CA GLU C 42 -0.88 33.32 -27.33
C GLU C 42 -1.31 34.28 -26.22
N ALA C 43 -2.60 34.61 -26.16
CA ALA C 43 -3.09 35.54 -25.14
C ALA C 43 -2.95 34.95 -23.74
N HIS C 44 -3.25 33.66 -23.58
CA HIS C 44 -3.30 33.05 -22.26
C HIS C 44 -2.01 32.33 -21.88
N ALA C 45 -0.98 32.38 -22.73
CA ALA C 45 0.29 31.74 -22.38
C ALA C 45 0.94 32.38 -21.15
N LYS C 46 0.63 33.64 -20.88
CA LYS C 46 1.30 34.34 -19.79
C LYS C 46 0.96 33.78 -18.41
N GLU C 47 -0.15 33.06 -18.29
CA GLU C 47 -0.58 32.56 -16.99
C GLU C 47 -0.69 31.04 -16.96
N ASP C 48 0.30 30.35 -17.50
CA ASP C 48 0.35 28.89 -17.48
C ASP C 48 1.51 28.43 -16.60
N PRO C 49 1.24 28.03 -15.36
CA PRO C 49 2.34 27.61 -14.46
C PRO C 49 3.10 26.38 -14.93
N LEU C 50 2.52 25.58 -15.82
CA LEU C 50 3.20 24.38 -16.29
C LEU C 50 4.07 24.62 -17.52
N LEU C 51 3.68 25.55 -18.38
CA LEU C 51 4.48 25.83 -19.57
C LEU C 51 5.85 26.39 -19.20
N THR C 52 5.90 27.29 -18.23
CA THR C 52 7.14 27.88 -17.76
C THR C 52 7.30 27.58 -16.27
N PRO C 53 8.43 26.99 -15.85
CA PRO C 53 8.60 26.67 -14.42
C PRO C 53 8.57 27.94 -13.57
N VAL C 54 7.59 27.99 -12.66
CA VAL C 54 7.42 29.12 -11.76
C VAL C 54 8.55 29.09 -10.72
N PRO C 55 8.92 30.23 -10.14
CA PRO C 55 9.95 30.22 -9.10
C PRO C 55 9.51 29.40 -7.89
N ALA C 56 10.50 28.82 -7.21
CA ALA C 56 10.23 27.94 -6.07
C ALA C 56 9.64 28.68 -4.88
N SER C 57 9.69 30.01 -4.86
CA SER C 57 9.15 30.76 -3.74
C SER C 57 7.62 30.75 -3.72
N GLU C 58 6.98 30.72 -4.90
CA GLU C 58 5.53 30.80 -5.01
C GLU C 58 4.91 29.46 -5.43
N ASN C 59 5.59 28.37 -5.13
CA ASN C 59 5.07 27.04 -5.46
C ASN C 59 4.59 26.34 -4.19
N PRO C 60 3.28 26.18 -3.99
CA PRO C 60 2.81 25.47 -2.78
C PRO C 60 3.21 24.02 -2.73
N PHE C 61 3.58 23.41 -3.86
CA PHE C 61 3.98 22.01 -3.91
C PHE C 61 5.47 21.83 -3.69
N ARG C 62 6.19 22.88 -3.30
CA ARG C 62 7.62 22.77 -3.03
C ARG C 62 7.86 21.88 -1.80
N GLU C 63 9.02 21.24 -1.79
CA GLU C 63 9.38 20.36 -0.69
C GLU C 63 10.62 20.87 0.05
N VAL D 2 -29.01 15.68 18.49
CA VAL D 2 -27.75 15.78 19.21
C VAL D 2 -27.94 16.51 20.55
N GLN D 3 -27.41 15.93 21.61
CA GLN D 3 -27.50 16.53 22.94
C GLN D 3 -26.51 15.85 23.88
N LEU D 4 -25.89 16.66 24.73
CA LEU D 4 -24.96 16.19 25.75
C LEU D 4 -25.51 16.58 27.12
N VAL D 5 -25.72 15.59 27.98
CA VAL D 5 -26.28 15.83 29.31
C VAL D 5 -25.27 15.34 30.35
N GLU D 6 -24.94 16.19 31.31
CA GLU D 6 -23.94 15.86 32.31
C GLU D 6 -24.52 16.02 33.72
N SER D 7 -24.02 15.21 34.64
CA SER D 7 -24.49 15.19 36.01
C SER D 7 -23.37 14.64 36.90
N GLY D 8 -23.72 14.37 38.16
CA GLY D 8 -22.77 13.93 39.15
C GLY D 8 -22.31 15.00 40.12
N GLY D 9 -22.89 16.19 40.07
CA GLY D 9 -22.43 17.31 40.88
C GLY D 9 -23.21 17.56 42.15
N GLY D 10 -22.58 17.29 43.30
CA GLY D 10 -23.17 17.59 44.58
C GLY D 10 -22.30 18.52 45.41
N LEU D 11 -22.63 18.65 46.70
CA LEU D 11 -21.84 19.47 47.61
C LEU D 11 -20.81 18.61 48.33
N VAL D 12 -19.58 19.10 48.40
CA VAL D 12 -18.49 18.37 49.03
C VAL D 12 -17.83 19.27 50.08
N GLN D 13 -17.20 18.63 51.06
CA GLN D 13 -16.45 19.34 52.08
C GLN D 13 -15.17 19.91 51.49
N PRO D 14 -14.54 20.89 52.17
CA PRO D 14 -13.29 21.47 51.68
C PRO D 14 -12.22 20.43 51.34
N GLY D 15 -12.37 19.22 51.85
CA GLY D 15 -11.48 18.13 51.49
C GLY D 15 -12.24 16.88 51.09
N GLY D 16 -12.04 16.42 49.87
CA GLY D 16 -12.75 15.24 49.40
C GLY D 16 -12.59 15.06 47.91
N SER D 17 -13.33 14.10 47.37
CA SER D 17 -13.24 13.73 45.97
C SER D 17 -14.63 13.43 45.45
N ARG D 18 -14.82 13.60 44.13
CA ARG D 18 -16.11 13.32 43.51
C ARG D 18 -15.93 13.28 42.00
N LYS D 19 -16.80 12.54 41.32
CA LYS D 19 -16.67 12.37 39.89
C LYS D 19 -17.91 12.89 39.17
N LEU D 20 -17.69 13.45 37.99
CA LEU D 20 -18.73 13.97 37.12
C LEU D 20 -18.78 13.12 35.86
N SER D 21 -19.98 13.00 35.29
CA SER D 21 -20.17 12.20 34.09
C SER D 21 -20.96 12.99 33.07
N CYS D 22 -20.71 12.72 31.80
CA CYS D 22 -21.51 13.30 30.72
C CYS D 22 -21.78 12.24 29.67
N SER D 23 -23.02 12.23 29.18
CA SER D 23 -23.48 11.27 28.18
C SER D 23 -23.97 12.04 26.95
N ALA D 24 -23.55 11.58 25.77
CA ALA D 24 -23.88 12.21 24.51
C ALA D 24 -24.79 11.32 23.70
N SER D 25 -25.68 11.93 22.92
CA SER D 25 -26.63 11.17 22.11
C SER D 25 -26.96 11.96 20.86
N GLY D 26 -26.73 11.34 19.70
CA GLY D 26 -27.05 11.94 18.42
C GLY D 26 -25.90 12.06 17.44
N PHE D 27 -24.68 11.64 17.79
CA PHE D 27 -23.55 11.79 16.90
C PHE D 27 -22.54 10.68 17.17
N ALA D 28 -21.60 10.53 16.25
CA ALA D 28 -20.51 9.57 16.39
C ALA D 28 -19.55 10.08 17.46
N PHE D 29 -19.59 9.48 18.64
CA PHE D 29 -18.79 9.95 19.76
C PHE D 29 -17.31 9.63 19.59
N SER D 30 -17.00 8.52 18.91
CA SER D 30 -15.61 8.08 18.83
C SER D 30 -14.75 8.96 17.94
N SER D 31 -15.35 9.76 17.06
CA SER D 31 -14.60 10.59 16.13
C SER D 31 -14.51 12.04 16.58
N PHE D 32 -14.89 12.35 17.81
CA PHE D 32 -14.90 13.72 18.32
C PHE D 32 -14.05 13.82 19.58
N GLY D 33 -13.13 14.79 19.59
CA GLY D 33 -12.44 15.12 20.81
C GLY D 33 -13.32 15.91 21.76
N MET D 34 -12.98 15.86 23.04
CA MET D 34 -13.86 16.41 24.07
C MET D 34 -13.11 17.42 24.94
N HIS D 35 -13.80 18.49 25.32
CA HIS D 35 -13.25 19.58 26.10
C HIS D 35 -14.12 19.83 27.33
N TRP D 36 -13.46 20.25 28.40
CA TRP D 36 -14.14 20.68 29.63
C TRP D 36 -13.86 22.16 29.86
N VAL D 37 -14.91 22.91 30.16
CA VAL D 37 -14.82 24.35 30.37
C VAL D 37 -15.46 24.70 31.72
N ARG D 38 -14.77 25.52 32.50
CA ARG D 38 -15.22 25.91 33.83
C ARG D 38 -15.56 27.39 33.85
N GLN D 39 -16.73 27.73 34.38
CA GLN D 39 -17.16 29.12 34.49
C GLN D 39 -17.46 29.44 35.95
N ALA D 40 -16.71 30.39 36.51
CA ALA D 40 -16.92 30.79 37.89
C ALA D 40 -18.21 31.60 38.03
N PRO D 41 -18.81 31.60 39.23
CA PRO D 41 -20.03 32.38 39.43
C PRO D 41 -19.76 33.88 39.29
N GLU D 42 -20.57 34.54 38.45
CA GLU D 42 -20.46 35.97 38.21
C GLU D 42 -19.08 36.37 37.69
N LYS D 43 -18.42 35.47 36.96
CA LYS D 43 -17.11 35.73 36.40
C LYS D 43 -17.05 35.13 35.00
N GLY D 44 -15.84 35.04 34.45
CA GLY D 44 -15.63 34.47 33.14
C GLY D 44 -15.53 32.96 33.19
N LEU D 45 -15.16 32.39 32.04
CA LEU D 45 -15.03 30.95 31.88
C LEU D 45 -13.64 30.60 31.37
N GLU D 46 -13.09 29.50 31.86
CA GLU D 46 -11.73 29.10 31.56
C GLU D 46 -11.68 27.60 31.23
N TRP D 47 -10.65 27.21 30.48
CA TRP D 47 -10.49 25.84 30.04
C TRP D 47 -9.90 24.99 31.16
N VAL D 48 -10.24 23.70 31.14
CA VAL D 48 -9.79 22.77 32.18
C VAL D 48 -9.00 21.62 31.59
N ALA D 49 -9.63 20.83 30.71
CA ALA D 49 -9.00 19.61 30.21
C ALA D 49 -9.50 19.30 28.81
N TYR D 50 -8.71 18.47 28.11
CA TYR D 50 -9.03 18.07 26.74
C TYR D 50 -8.56 16.63 26.53
N ILE D 51 -9.43 15.83 25.92
CA ILE D 51 -9.11 14.45 25.56
C ILE D 51 -9.35 14.26 24.08
N SER D 52 -8.40 13.61 23.40
CA SER D 52 -8.44 13.47 21.95
C SER D 52 -9.10 12.15 21.56
N SER D 53 -9.44 12.05 20.27
CA SER D 53 -10.00 10.81 19.74
C SER D 53 -8.95 9.71 19.79
N GLY D 54 -9.35 8.53 20.28
CA GLY D 54 -8.43 7.44 20.48
C GLY D 54 -7.72 7.44 21.81
N SER D 55 -7.96 8.45 22.65
CA SER D 55 -7.33 8.57 23.97
C SER D 55 -5.81 8.55 23.86
N GLY D 56 -5.28 9.22 22.84
CA GLY D 56 -3.86 9.29 22.63
C GLY D 56 -3.22 10.53 23.20
N THR D 57 -3.89 11.67 23.05
CA THR D 57 -3.40 12.95 23.56
C THR D 57 -4.36 13.45 24.63
N ILE D 58 -3.82 13.73 25.82
CA ILE D 58 -4.59 14.27 26.94
C ILE D 58 -3.87 15.52 27.45
N TYR D 59 -4.62 16.61 27.55
CA TYR D 59 -4.05 17.90 27.98
C TYR D 59 -4.79 18.41 29.20
N TYR D 60 -4.03 18.93 30.16
CA TYR D 60 -4.55 19.52 31.38
C TYR D 60 -4.07 20.95 31.51
N ALA D 61 -4.75 21.71 32.36
CA ALA D 61 -4.36 23.09 32.64
C ALA D 61 -3.37 23.14 33.80
N ASP D 62 -2.55 24.20 33.81
CA ASP D 62 -1.53 24.34 34.84
C ASP D 62 -2.16 24.54 36.21
N THR D 63 -3.25 25.29 36.28
CA THR D 63 -3.91 25.54 37.57
C THR D 63 -4.58 24.31 38.14
N VAL D 64 -4.77 23.26 37.34
CA VAL D 64 -5.42 22.04 37.80
C VAL D 64 -4.58 20.79 37.56
N LYS D 65 -3.34 20.94 37.13
CA LYS D 65 -2.48 19.78 36.87
C LYS D 65 -2.20 19.02 38.15
N GLY D 66 -2.30 17.70 38.09
CA GLY D 66 -1.99 16.83 39.20
C GLY D 66 -3.17 16.50 40.10
N ARG D 67 -4.27 17.25 40.01
CA ARG D 67 -5.41 17.02 40.89
C ARG D 67 -6.62 16.41 40.18
N PHE D 68 -6.75 16.60 38.87
CA PHE D 68 -7.95 16.18 38.16
C PHE D 68 -7.60 15.09 37.16
N THR D 69 -8.53 14.16 36.97
CA THR D 69 -8.33 13.02 36.07
C THR D 69 -9.44 13.02 35.02
N ILE D 70 -9.08 12.66 33.78
CA ILE D 70 -10.04 12.55 32.69
C ILE D 70 -10.04 11.13 32.16
N SER D 71 -11.21 10.66 31.72
CA SER D 71 -11.34 9.31 31.18
C SER D 71 -12.56 9.27 30.27
N ARG D 72 -12.54 8.29 29.36
CA ARG D 72 -13.53 8.20 28.30
C ARG D 72 -13.97 6.75 28.12
N ASP D 73 -15.25 6.55 27.85
CA ASP D 73 -15.82 5.22 27.58
C ASP D 73 -16.58 5.32 26.27
N ASP D 74 -16.00 4.76 25.21
CA ASP D 74 -16.56 4.83 23.87
C ASP D 74 -17.74 3.88 23.66
N PRO D 75 -17.67 2.61 24.08
CA PRO D 75 -18.84 1.74 23.90
C PRO D 75 -20.10 2.26 24.59
N LYS D 76 -19.95 2.86 25.77
CA LYS D 76 -21.10 3.40 26.48
C LYS D 76 -21.34 4.88 26.20
N ASN D 77 -20.45 5.54 25.45
CA ASN D 77 -20.59 6.94 25.08
C ASN D 77 -20.72 7.83 26.33
N THR D 78 -19.69 7.80 27.17
CA THR D 78 -19.73 8.58 28.40
C THR D 78 -18.34 9.06 28.76
N LEU D 79 -18.22 10.35 29.08
CA LEU D 79 -16.95 10.96 29.46
C LEU D 79 -16.98 11.29 30.94
N PHE D 80 -15.96 10.86 31.67
CA PHE D 80 -15.86 11.04 33.10
C PHE D 80 -14.84 12.12 33.44
N LEU D 81 -14.93 12.62 34.67
CA LEU D 81 -13.89 13.49 35.21
C LEU D 81 -13.85 13.29 36.71
N GLN D 82 -12.65 13.05 37.25
CA GLN D 82 -12.46 12.74 38.66
C GLN D 82 -11.80 13.93 39.34
N MET D 83 -12.46 14.45 40.38
CA MET D 83 -11.96 15.54 41.21
C MET D 83 -11.36 14.88 42.44
N THR D 84 -10.02 14.94 42.56
CA THR D 84 -9.35 14.25 43.66
C THR D 84 -9.19 15.15 44.88
N SER D 85 -8.59 16.32 44.69
CA SER D 85 -8.42 17.29 45.77
C SER D 85 -9.01 18.62 45.33
N LEU D 86 -9.87 19.19 46.17
CA LEU D 86 -10.62 20.39 45.84
C LEU D 86 -10.25 21.51 46.82
N ARG D 87 -9.84 22.64 46.29
CA ARG D 87 -9.63 23.84 47.08
C ARG D 87 -10.97 24.55 47.26
N SER D 88 -10.94 25.76 47.84
CA SER D 88 -12.14 26.57 47.93
C SER D 88 -12.41 27.36 46.66
N GLU D 89 -11.44 27.44 45.76
CA GLU D 89 -11.60 28.16 44.49
C GLU D 89 -12.19 27.30 43.38
N ASP D 90 -12.35 26.00 43.61
CA ASP D 90 -12.93 25.10 42.61
C ASP D 90 -14.45 24.99 42.76
N THR D 91 -15.11 26.14 42.83
CA THR D 91 -16.57 26.22 42.86
C THR D 91 -17.02 27.01 41.63
N ALA D 92 -17.76 26.35 40.76
CA ALA D 92 -18.08 26.92 39.45
C ALA D 92 -19.17 26.07 38.81
N MET D 93 -19.41 26.29 37.52
CA MET D 93 -20.26 25.43 36.72
C MET D 93 -19.48 24.95 35.51
N TYR D 94 -19.57 23.65 35.24
CA TYR D 94 -18.79 22.99 34.20
C TYR D 94 -19.67 22.71 32.98
N TYR D 95 -19.09 22.89 31.80
CA TYR D 95 -19.70 22.59 30.52
C TYR D 95 -18.97 21.41 29.88
N CYS D 96 -19.52 20.93 28.77
CA CYS D 96 -18.87 19.90 27.97
C CYS D 96 -18.97 20.28 26.50
N VAL D 97 -17.85 20.22 25.78
CA VAL D 97 -17.79 20.75 24.42
C VAL D 97 -17.20 19.70 23.48
N ARG D 98 -17.80 19.56 22.29
CA ARG D 98 -17.22 18.73 21.25
C ARG D 98 -16.15 19.48 20.48
N SER D 99 -15.34 18.72 19.74
CA SER D 99 -14.36 19.32 18.84
C SER D 99 -13.98 18.32 17.77
N ILE D 100 -13.80 18.81 16.54
CA ILE D 100 -13.35 18.00 15.42
C ILE D 100 -12.30 18.80 14.65
N TYR D 101 -11.29 18.11 14.14
CA TYR D 101 -10.14 18.76 13.52
C TYR D 101 -9.80 18.08 12.21
N TYR D 102 -10.11 18.74 11.10
CA TYR D 102 -9.61 18.38 9.78
C TYR D 102 -9.71 19.62 8.91
N TYR D 103 -9.31 19.48 7.64
CA TYR D 103 -9.29 20.62 6.73
C TYR D 103 -10.71 21.09 6.48
N GLY D 104 -11.04 22.29 6.97
CA GLY D 104 -12.36 22.85 6.82
C GLY D 104 -13.33 22.57 7.94
N SER D 105 -12.84 22.06 9.07
CA SER D 105 -13.72 21.74 10.19
C SER D 105 -14.11 22.99 10.96
N SER D 106 -15.09 22.83 11.85
CA SER D 106 -15.59 23.92 12.70
C SER D 106 -15.62 23.43 14.14
N PRO D 107 -14.48 23.45 14.82
CA PRO D 107 -14.44 22.97 16.21
C PRO D 107 -15.19 23.89 17.16
N PHE D 108 -15.49 23.35 18.34
CA PHE D 108 -16.27 24.04 19.36
C PHE D 108 -17.65 24.45 18.80
N ASP D 109 -18.42 23.44 18.39
CA ASP D 109 -19.68 23.67 17.72
C ASP D 109 -20.90 23.46 18.62
N PHE D 110 -20.83 22.53 19.57
CA PHE D 110 -21.93 22.29 20.50
C PHE D 110 -21.39 22.36 21.93
N TRP D 111 -22.20 22.92 22.82
CA TRP D 111 -21.80 23.12 24.20
C TRP D 111 -22.67 22.41 25.22
N GLY D 112 -23.87 21.95 24.84
CA GLY D 112 -24.70 21.23 25.77
C GLY D 112 -25.15 22.10 26.93
N GLN D 113 -25.39 21.45 28.06
CA GLN D 113 -25.78 22.12 29.29
C GLN D 113 -24.61 22.09 30.27
N GLY D 114 -24.86 22.58 31.49
CA GLY D 114 -23.82 22.65 32.49
C GLY D 114 -24.27 22.04 33.81
N THR D 115 -23.28 21.67 34.61
CA THR D 115 -23.51 21.13 35.95
C THR D 115 -22.75 21.95 36.98
N THR D 116 -23.38 22.20 38.12
CA THR D 116 -22.82 23.10 39.12
C THR D 116 -22.09 22.31 40.20
N LEU D 117 -20.98 22.87 40.69
CA LEU D 117 -20.21 22.27 41.77
C LEU D 117 -19.79 23.37 42.74
N THR D 118 -20.10 23.17 44.02
CA THR D 118 -19.80 24.14 45.05
C THR D 118 -19.04 23.45 46.19
N VAL D 119 -18.04 24.14 46.73
CA VAL D 119 -17.24 23.65 47.83
C VAL D 119 -17.47 24.54 49.04
N SER D 120 -17.74 23.92 50.18
CA SER D 120 -18.01 24.66 51.41
C SER D 120 -16.76 24.77 52.27
N SER D 136 4.88 32.78 27.74
CA SER D 136 4.21 31.52 28.03
C SER D 136 2.75 31.57 27.63
N ASP D 137 1.89 31.94 28.58
CA ASP D 137 0.46 32.02 28.32
C ASP D 137 0.13 33.34 27.61
N ILE D 138 -0.71 33.24 26.58
CA ILE D 138 -1.12 34.42 25.83
C ILE D 138 -2.28 35.09 26.56
N VAL D 139 -2.12 36.36 26.88
CA VAL D 139 -3.15 37.12 27.60
C VAL D 139 -4.12 37.71 26.57
N MET D 140 -5.41 37.57 26.86
CA MET D 140 -6.47 38.03 25.97
C MET D 140 -7.16 39.21 26.63
N THR D 141 -7.11 40.38 25.98
CA THR D 141 -7.57 41.62 26.57
C THR D 141 -8.71 42.20 25.74
N GLN D 142 -9.86 42.42 26.38
CA GLN D 142 -10.99 43.15 25.80
C GLN D 142 -11.24 44.36 26.68
N ALA D 143 -10.85 45.54 26.20
CA ALA D 143 -10.94 46.75 27.01
C ALA D 143 -12.39 47.09 27.36
N THR D 144 -13.29 46.96 26.40
CA THR D 144 -14.69 47.30 26.63
C THR D 144 -15.34 46.30 27.58
N SER D 145 -16.15 46.81 28.51
CA SER D 145 -16.85 45.97 29.46
C SER D 145 -18.37 46.12 29.42
N SER D 146 -18.90 47.12 28.72
CA SER D 146 -20.33 47.32 28.59
C SER D 146 -20.58 48.25 27.41
N VAL D 147 -21.70 48.03 26.72
CA VAL D 147 -22.08 48.85 25.57
C VAL D 147 -23.58 49.07 25.59
N PRO D 148 -24.05 50.28 25.88
CA PRO D 148 -25.47 50.60 25.67
C PRO D 148 -25.76 50.73 24.18
N VAL D 149 -26.91 50.22 23.77
CA VAL D 149 -27.26 50.18 22.35
C VAL D 149 -28.77 50.22 22.19
N THR D 150 -29.21 50.83 21.10
CA THR D 150 -30.57 50.88 20.60
C THR D 150 -30.69 50.03 19.33
N PRO D 151 -31.70 49.18 19.23
CA PRO D 151 -31.82 48.31 18.04
C PRO D 151 -31.87 49.11 16.75
N GLY D 152 -31.22 48.59 15.72
CA GLY D 152 -31.20 49.21 14.42
C GLY D 152 -29.93 49.96 14.05
N GLU D 153 -28.89 49.89 14.89
CA GLU D 153 -27.62 50.55 14.59
C GLU D 153 -26.49 49.55 14.75
N SER D 154 -25.46 49.70 13.92
CA SER D 154 -24.35 48.76 13.90
C SER D 154 -23.48 48.89 15.14
N VAL D 155 -22.90 47.76 15.56
CA VAL D 155 -22.07 47.69 16.76
C VAL D 155 -20.78 46.96 16.40
N SER D 156 -19.68 47.42 16.99
CA SER D 156 -18.37 46.83 16.78
C SER D 156 -17.71 46.53 18.11
N ILE D 157 -17.11 45.34 18.21
CA ILE D 157 -16.40 44.90 19.41
C ILE D 157 -14.97 44.57 19.03
N SER D 158 -14.02 45.00 19.86
CA SER D 158 -12.60 44.87 19.58
C SER D 158 -11.97 43.87 20.54
N CYS D 159 -11.00 43.10 20.03
CA CYS D 159 -10.30 42.11 20.81
C CYS D 159 -8.83 42.11 20.39
N ARG D 160 -7.94 42.11 21.37
CA ARG D 160 -6.50 42.14 21.12
C ARG D 160 -5.80 41.14 22.04
N SER D 161 -4.62 40.69 21.60
CA SER D 161 -3.83 39.70 22.31
C SER D 161 -2.42 40.23 22.54
N SER D 162 -1.54 39.36 23.02
CA SER D 162 -0.14 39.71 23.23
C SER D 162 0.79 39.21 22.13
N LYS D 163 0.36 38.21 21.37
CA LYS D 163 1.16 37.65 20.29
C LYS D 163 0.29 37.54 19.04
N SER D 164 0.93 37.66 17.88
CA SER D 164 0.20 37.55 16.62
C SER D 164 -0.31 36.13 16.44
N LEU D 165 -1.60 36.01 16.09
CA LEU D 165 -2.23 34.72 15.90
C LEU D 165 -2.05 34.17 14.50
N LEU D 166 -1.42 34.92 13.60
CA LEU D 166 -1.21 34.47 12.24
C LEU D 166 -0.08 33.45 12.17
N HIS D 167 -0.34 32.32 11.53
CA HIS D 167 0.63 31.26 11.38
C HIS D 167 1.25 31.29 9.98
N SER D 168 2.29 30.47 9.79
CA SER D 168 2.98 30.44 8.50
C SER D 168 2.12 29.86 7.39
N ASN D 169 1.11 29.05 7.73
CA ASN D 169 0.24 28.45 6.72
C ASN D 169 -0.82 29.41 6.20
N GLY D 170 -1.02 30.55 6.85
CA GLY D 170 -2.00 31.53 6.43
C GLY D 170 -3.27 31.56 7.25
N ASN D 171 -3.40 30.73 8.27
CA ASN D 171 -4.58 30.69 9.11
C ASN D 171 -4.37 31.51 10.37
N THR D 172 -5.45 32.14 10.84
CA THR D 172 -5.46 32.87 12.10
C THR D 172 -6.48 32.20 13.02
N TYR D 173 -6.04 31.83 14.21
CA TYR D 173 -6.84 31.02 15.13
C TYR D 173 -7.53 31.91 16.15
N LEU D 174 -8.62 32.54 15.70
CA LEU D 174 -9.46 33.38 16.55
C LEU D 174 -10.89 32.87 16.49
N TYR D 175 -11.56 32.87 17.64
CA TYR D 175 -12.92 32.38 17.75
C TYR D 175 -13.79 33.41 18.47
N TRP D 176 -15.01 33.60 17.98
CA TRP D 176 -15.99 34.50 18.58
C TRP D 176 -17.23 33.68 18.93
N PHE D 177 -17.65 33.75 20.19
CA PHE D 177 -18.89 33.08 20.58
C PHE D 177 -19.66 33.95 21.56
N LEU D 178 -20.91 33.54 21.83
CA LEU D 178 -21.91 34.35 22.50
C LEU D 178 -22.54 33.56 23.64
N GLN D 179 -22.98 34.27 24.67
CA GLN D 179 -23.67 33.69 25.81
C GLN D 179 -24.89 34.51 26.14
N ARG D 180 -26.07 33.90 26.04
CA ARG D 180 -27.31 34.52 26.48
C ARG D 180 -27.50 34.32 27.98
N PRO D 181 -28.28 35.19 28.62
CA PRO D 181 -28.53 35.01 30.06
C PRO D 181 -29.36 33.76 30.31
N GLY D 182 -28.88 32.92 31.24
CA GLY D 182 -29.55 31.68 31.55
C GLY D 182 -29.54 30.67 30.41
N GLN D 183 -28.44 30.60 29.66
CA GLN D 183 -28.33 29.69 28.53
C GLN D 183 -26.86 29.34 28.36
N SER D 184 -26.58 28.42 27.44
CA SER D 184 -25.23 27.95 27.18
C SER D 184 -24.61 28.68 25.99
N PRO D 185 -23.28 28.79 25.95
CA PRO D 185 -22.64 29.51 24.84
C PRO D 185 -22.86 28.83 23.50
N GLN D 186 -22.88 29.64 22.45
CA GLN D 186 -23.06 29.17 21.09
C GLN D 186 -22.00 29.78 20.19
N LEU D 187 -21.44 28.97 19.30
CA LEU D 187 -20.39 29.43 18.40
C LEU D 187 -20.96 30.40 17.38
N LEU D 188 -20.20 31.46 17.10
CA LEU D 188 -20.58 32.43 16.08
C LEU D 188 -19.60 32.45 14.90
N ILE D 189 -18.31 32.64 15.16
CA ILE D 189 -17.33 32.78 14.08
C ILE D 189 -16.07 32.01 14.46
N TYR D 190 -15.51 31.28 13.50
CA TYR D 190 -14.24 30.59 13.67
C TYR D 190 -13.26 31.06 12.61
N ARG D 191 -12.00 31.23 13.02
CA ARG D 191 -10.92 31.72 12.14
C ARG D 191 -11.23 33.10 11.59
N MET D 192 -11.96 33.89 12.37
CA MET D 192 -12.17 35.34 12.25
C MET D 192 -12.78 35.78 10.93
N SER D 193 -13.04 34.83 10.02
CA SER D 193 -13.63 35.19 8.73
C SER D 193 -14.72 34.25 8.27
N ASN D 194 -14.93 33.11 8.93
CA ASN D 194 -15.89 32.11 8.48
C ASN D 194 -17.11 32.14 9.39
N LEU D 195 -18.29 32.23 8.79
CA LEU D 195 -19.53 32.29 9.54
C LEU D 195 -20.02 30.86 9.81
N ALA D 196 -20.39 30.61 11.06
CA ALA D 196 -20.74 29.26 11.49
C ALA D 196 -22.10 28.86 10.93
N SER D 197 -22.57 27.68 11.31
CA SER D 197 -23.83 27.12 10.82
C SER D 197 -24.95 27.39 11.80
N GLY D 198 -26.12 27.72 11.28
CA GLY D 198 -27.27 28.02 12.10
C GLY D 198 -27.34 29.43 12.63
N VAL D 199 -26.46 30.32 12.17
CA VAL D 199 -26.44 31.70 12.64
C VAL D 199 -26.73 32.65 11.47
N PRO D 200 -27.38 33.78 11.71
CA PRO D 200 -27.72 34.68 10.61
C PRO D 200 -26.49 35.34 10.01
N ASP D 201 -26.66 35.84 8.79
CA ASP D 201 -25.60 36.51 8.04
C ASP D 201 -25.34 37.93 8.50
N ARG D 202 -26.06 38.40 9.53
CA ARG D 202 -25.85 39.76 10.02
C ARG D 202 -24.44 39.94 10.58
N PHE D 203 -23.96 38.95 11.32
CA PHE D 203 -22.67 39.04 11.98
C PHE D 203 -21.54 38.99 10.96
N SER D 204 -20.41 39.59 11.33
CA SER D 204 -19.22 39.54 10.50
C SER D 204 -17.99 39.73 11.38
N GLY D 205 -16.86 39.24 10.89
CA GLY D 205 -15.60 39.37 11.61
C GLY D 205 -14.48 39.74 10.66
N SER D 206 -13.51 40.48 11.20
CA SER D 206 -12.36 40.91 10.42
C SER D 206 -11.24 41.29 11.38
N GLY D 207 -10.11 41.68 10.81
CA GLY D 207 -8.99 42.14 11.62
C GLY D 207 -7.68 41.85 10.93
N SER D 208 -6.61 42.11 11.65
CA SER D 208 -5.26 41.89 11.13
C SER D 208 -4.29 41.87 12.31
N GLY D 209 -3.26 41.03 12.20
CA GLY D 209 -2.20 41.02 13.19
C GLY D 209 -2.68 40.68 14.58
N THR D 210 -2.76 41.69 15.43
CA THR D 210 -3.17 41.53 16.82
C THR D 210 -4.53 42.17 17.09
N ALA D 211 -5.06 42.94 16.15
CA ALA D 211 -6.33 43.65 16.32
C ALA D 211 -7.43 42.88 15.61
N PHE D 212 -8.56 42.68 16.28
CA PHE D 212 -9.66 41.92 15.71
C PHE D 212 -10.97 42.62 16.02
N THR D 213 -11.84 42.71 15.01
CA THR D 213 -13.13 43.37 15.15
C THR D 213 -14.25 42.42 14.79
N LEU D 214 -15.30 42.42 15.60
CA LEU D 214 -16.54 41.71 15.32
C LEU D 214 -17.65 42.74 15.17
N THR D 215 -18.33 42.71 14.03
CA THR D 215 -19.32 43.72 13.68
C THR D 215 -20.69 43.08 13.52
N ILE D 216 -21.69 43.74 14.08
CA ILE D 216 -23.10 43.36 13.92
C ILE D 216 -23.79 44.53 13.23
N SER D 217 -24.38 44.26 12.07
CA SER D 217 -25.03 45.32 11.30
C SER D 217 -26.37 45.72 11.90
N ARG D 218 -27.29 44.77 11.99
CA ARG D 218 -28.61 45.01 12.55
C ARG D 218 -28.76 44.21 13.83
N LEU D 219 -29.22 44.86 14.90
CA LEU D 219 -29.42 44.20 16.19
C LEU D 219 -30.91 44.00 16.44
N GLU D 220 -31.25 42.82 16.95
CA GLU D 220 -32.62 42.51 17.33
C GLU D 220 -32.69 42.13 18.81
N ALA D 221 -33.82 41.59 19.25
CA ALA D 221 -34.01 41.28 20.65
C ALA D 221 -33.21 40.07 21.10
N GLU D 222 -32.75 39.23 20.17
CA GLU D 222 -32.02 38.01 20.51
C GLU D 222 -30.51 38.19 20.49
N ASP D 223 -30.01 39.39 20.23
CA ASP D 223 -28.58 39.64 20.17
C ASP D 223 -27.99 40.14 21.49
N VAL D 224 -28.79 40.19 22.55
CA VAL D 224 -28.33 40.68 23.84
C VAL D 224 -27.63 39.54 24.59
N GLY D 225 -26.46 39.83 25.13
CA GLY D 225 -25.70 38.82 25.86
C GLY D 225 -24.26 39.25 26.04
N VAL D 226 -23.42 38.27 26.36
CA VAL D 226 -21.99 38.47 26.57
C VAL D 226 -21.24 37.84 25.41
N TYR D 227 -20.15 38.47 24.99
CA TYR D 227 -19.38 38.02 23.84
C TYR D 227 -17.96 37.70 24.27
N TYR D 228 -17.41 36.61 23.74
CA TYR D 228 -16.05 36.18 24.08
C TYR D 228 -15.24 35.89 22.83
N CYS D 229 -13.96 36.27 22.88
CA CYS D 229 -12.97 35.94 21.86
C CYS D 229 -11.93 34.99 22.44
N MET D 230 -11.48 34.06 21.60
CA MET D 230 -10.67 32.93 22.02
C MET D 230 -9.53 32.72 21.04
N GLN D 231 -8.40 32.20 21.55
CA GLN D 231 -7.23 31.88 20.75
C GLN D 231 -7.01 30.37 20.75
N HIS D 232 -6.32 29.89 19.70
CA HIS D 232 -6.08 28.46 19.57
C HIS D 232 -4.70 28.13 18.99
N LEU D 233 -3.70 28.99 19.20
CA LEU D 233 -2.36 28.68 18.72
C LEU D 233 -1.71 27.57 19.54
N GLU D 234 -1.77 27.69 20.87
CA GLU D 234 -1.05 26.78 21.75
C GLU D 234 -1.85 26.56 23.02
N TYR D 235 -1.55 25.46 23.70
CA TYR D 235 -2.16 25.10 24.97
C TYR D 235 -1.38 25.76 26.12
N PRO D 236 -2.07 26.23 27.17
CA PRO D 236 -3.52 26.13 27.38
C PRO D 236 -4.32 27.18 26.61
N LEU D 237 -5.62 26.92 26.44
CA LEU D 237 -6.51 27.84 25.74
C LEU D 237 -6.97 28.93 26.69
N THR D 238 -6.83 30.18 26.26
CA THR D 238 -7.11 31.34 27.10
C THR D 238 -8.27 32.12 26.53
N PHE D 239 -9.24 32.44 27.38
CA PHE D 239 -10.38 33.26 27.02
C PHE D 239 -10.16 34.70 27.48
N GLY D 240 -10.93 35.60 26.88
CA GLY D 240 -10.91 36.99 27.27
C GLY D 240 -12.09 37.36 28.16
N ALA D 241 -11.95 38.46 28.88
CA ALA D 241 -13.02 38.94 29.73
C ALA D 241 -14.22 39.34 28.88
N GLY D 242 -15.42 39.05 29.37
CA GLY D 242 -16.62 39.29 28.59
C GLY D 242 -16.88 40.76 28.37
N THR D 243 -17.49 41.06 27.23
CA THR D 243 -17.91 42.42 26.86
C THR D 243 -19.44 42.41 26.81
N LYS D 244 -20.06 42.78 27.92
CA LYS D 244 -21.51 42.74 28.01
C LYS D 244 -22.15 43.77 27.09
N LEU D 245 -23.32 43.42 26.56
CA LEU D 245 -24.09 44.30 25.70
C LEU D 245 -25.49 44.44 26.29
N GLU D 246 -25.90 45.67 26.56
CA GLU D 246 -27.18 45.96 27.20
C GLU D 246 -28.06 46.77 26.25
N LEU D 247 -29.36 46.50 26.31
CA LEU D 247 -30.32 47.18 25.45
C LEU D 247 -30.47 48.65 25.86
N LEU E 22 68.01 -9.36 19.85
CA LEU E 22 68.14 -10.31 18.74
C LEU E 22 66.88 -11.15 18.60
N ASN E 23 66.08 -10.85 17.57
CA ASN E 23 64.85 -11.61 17.34
C ASN E 23 65.15 -13.05 16.96
N THR E 24 66.17 -13.26 16.14
CA THR E 24 66.51 -14.60 15.70
C THR E 24 67.07 -15.41 16.87
N PRO E 25 66.48 -16.54 17.23
CA PRO E 25 67.01 -17.34 18.33
C PRO E 25 68.25 -18.10 17.91
N VAL E 26 68.93 -18.67 18.92
CA VAL E 26 70.06 -19.55 18.64
C VAL E 26 69.59 -20.77 17.86
N ASP E 27 68.44 -21.31 18.24
CA ASP E 27 67.80 -22.34 17.44
C ASP E 27 67.31 -21.74 16.12
N LYS E 28 67.19 -22.59 15.11
CA LYS E 28 66.84 -22.15 13.77
C LYS E 28 65.34 -22.12 13.53
N THR E 29 64.53 -22.38 14.55
CA THR E 29 63.08 -22.36 14.39
C THR E 29 62.59 -20.96 14.03
N SER E 30 61.54 -20.91 13.22
CA SER E 30 60.96 -19.65 12.76
C SER E 30 59.49 -19.58 13.18
N ASN E 31 58.85 -18.48 12.81
CA ASN E 31 57.45 -18.22 13.17
C ASN E 31 56.65 -17.83 11.93
N THR E 32 56.82 -18.55 10.84
CA THR E 32 56.09 -18.29 9.61
C THR E 32 54.71 -18.96 9.66
N LEU E 33 53.84 -18.53 8.75
CA LEU E 33 52.48 -19.03 8.70
C LEU E 33 52.38 -20.23 7.76
N ARG E 34 51.62 -21.23 8.17
CA ARG E 34 51.45 -22.44 7.38
C ARG E 34 50.36 -22.25 6.34
N VAL E 35 50.38 -23.12 5.33
CA VAL E 35 49.50 -23.06 4.16
C VAL E 35 48.03 -23.03 4.55
N PRO E 36 47.57 -23.80 5.56
CA PRO E 36 46.17 -23.65 5.99
C PRO E 36 45.79 -22.22 6.35
N ASP E 37 46.71 -21.45 6.94
CA ASP E 37 46.39 -20.08 7.28
C ASP E 37 46.23 -19.21 6.04
N ILE E 38 47.06 -19.40 5.02
CA ILE E 38 46.88 -18.67 3.76
C ILE E 38 45.54 -19.03 3.13
N LEU E 39 45.18 -20.32 3.13
CA LEU E 39 43.90 -20.73 2.59
C LEU E 39 42.74 -20.07 3.36
N ALA E 40 42.86 -20.04 4.69
CA ALA E 40 41.82 -19.42 5.50
C ALA E 40 41.71 -17.93 5.20
N LEU E 41 42.85 -17.25 5.04
CA LEU E 41 42.83 -15.83 4.73
C LEU E 41 42.18 -15.56 3.38
N VAL E 42 42.49 -16.38 2.37
CA VAL E 42 41.88 -16.21 1.05
C VAL E 42 40.37 -16.40 1.13
N ILE E 43 39.94 -17.46 1.83
CA ILE E 43 38.51 -17.72 1.97
C ILE E 43 37.84 -16.56 2.70
N PHE E 44 38.48 -16.04 3.75
CA PHE E 44 37.92 -14.92 4.50
C PHE E 44 37.74 -13.70 3.60
N ALA E 45 38.76 -13.40 2.79
CA ALA E 45 38.69 -12.23 1.92
C ALA E 45 37.55 -12.37 0.91
N VAL E 46 37.46 -13.52 0.26
CA VAL E 46 36.42 -13.72 -0.75
C VAL E 46 35.04 -13.65 -0.11
N VAL E 47 34.86 -14.32 1.03
CA VAL E 47 33.56 -14.35 1.69
C VAL E 47 33.14 -12.94 2.09
N PHE E 48 34.07 -12.19 2.71
CA PHE E 48 33.76 -10.81 3.09
C PHE E 48 33.36 -9.99 1.87
N LEU E 49 34.20 -10.01 0.83
CA LEU E 49 33.97 -9.14 -0.32
C LEU E 49 32.65 -9.41 -1.00
N VAL E 50 32.28 -10.68 -1.16
CA VAL E 50 31.02 -10.98 -1.84
C VAL E 50 29.83 -10.78 -0.89
N GLY E 51 29.94 -11.30 0.33
CA GLY E 51 28.79 -11.33 1.23
C GLY E 51 28.34 -9.96 1.70
N VAL E 52 29.28 -9.04 1.93
CA VAL E 52 28.87 -7.71 2.38
C VAL E 52 27.93 -7.06 1.37
N LEU E 53 28.33 -7.06 0.10
CA LEU E 53 27.50 -6.49 -0.95
C LEU E 53 26.20 -7.27 -1.12
N GLY E 54 26.29 -8.59 -1.13
CA GLY E 54 25.08 -9.39 -1.34
C GLY E 54 24.04 -9.13 -0.27
N ASN E 55 24.47 -9.14 0.99
CA ASN E 55 23.54 -8.88 2.08
C ASN E 55 23.05 -7.44 2.09
N ALA E 56 23.89 -6.49 1.67
CA ALA E 56 23.43 -5.11 1.59
C ALA E 56 22.26 -4.98 0.61
N LEU E 57 22.41 -5.55 -0.58
CA LEU E 57 21.31 -5.52 -1.54
C LEU E 57 20.09 -6.28 -1.04
N VAL E 58 20.30 -7.45 -0.40
CA VAL E 58 19.17 -8.23 0.09
C VAL E 58 18.39 -7.44 1.13
N VAL E 59 19.10 -6.82 2.09
CA VAL E 59 18.43 -6.04 3.13
C VAL E 59 17.70 -4.85 2.51
N TRP E 60 18.34 -4.16 1.56
CA TRP E 60 17.70 -2.99 0.95
C TRP E 60 16.42 -3.38 0.23
N VAL E 61 16.43 -4.51 -0.50
CA VAL E 61 15.23 -4.94 -1.19
C VAL E 61 14.16 -5.40 -0.20
N THR E 62 14.58 -6.09 0.87
CA THR E 62 13.60 -6.70 1.77
C THR E 62 12.93 -5.68 2.66
N ALA E 63 13.66 -4.66 3.12
CA ALA E 63 13.08 -3.70 4.06
C ALA E 63 11.91 -2.94 3.46
N PHE E 64 11.91 -2.76 2.13
CA PHE E 64 10.82 -2.05 1.49
C PHE E 64 9.53 -2.87 1.49
N GLU E 65 9.64 -4.18 1.33
CA GLU E 65 8.49 -5.06 1.19
C GLU E 65 8.02 -5.65 2.52
N ALA E 66 8.64 -5.27 3.64
CA ALA E 66 8.24 -5.82 4.92
C ALA E 66 6.87 -5.33 5.36
N LYS E 67 6.36 -4.24 4.77
CA LYS E 67 5.05 -3.73 5.13
C LYS E 67 3.92 -4.57 4.54
N ARG E 68 4.11 -5.08 3.32
CA ARG E 68 3.07 -5.81 2.62
C ARG E 68 3.24 -7.32 2.67
N THR E 69 4.41 -7.82 2.32
CA THR E 69 4.65 -9.26 2.21
C THR E 69 5.06 -9.85 3.55
N ILE E 70 4.43 -10.96 3.91
CA ILE E 70 4.77 -11.64 5.17
C ILE E 70 6.06 -12.44 5.02
N ASN E 71 6.36 -12.93 3.82
CA ASN E 71 7.56 -13.73 3.62
C ASN E 71 8.82 -12.91 3.80
N ALA E 72 8.75 -11.60 3.52
CA ALA E 72 9.95 -10.76 3.52
C ALA E 72 10.60 -10.72 4.90
N ILE E 73 9.79 -10.56 5.95
CA ILE E 73 10.35 -10.39 7.30
C ILE E 73 11.05 -11.63 7.80
N TRP E 74 10.82 -12.79 7.21
CA TRP E 74 11.63 -13.96 7.52
C TRP E 74 13.06 -13.77 7.03
N PHE E 75 13.22 -13.33 5.78
CA PHE E 75 14.54 -13.21 5.19
C PHE E 75 15.27 -11.96 5.68
N LEU E 76 14.53 -10.95 6.13
CA LEU E 76 15.15 -9.74 6.64
C LEU E 76 16.09 -10.02 7.82
N ASN E 77 15.60 -10.78 8.80
CA ASN E 77 16.41 -11.08 9.97
C ASN E 77 17.64 -11.91 9.61
N LEU E 78 17.45 -12.91 8.73
CA LEU E 78 18.57 -13.73 8.28
C LEU E 78 19.63 -12.88 7.58
N ALA E 79 19.19 -11.98 6.70
CA ALA E 79 20.12 -11.11 6.00
C ALA E 79 20.86 -10.18 6.98
N VAL E 80 20.15 -9.69 8.00
CA VAL E 80 20.79 -8.84 8.99
C VAL E 80 21.87 -9.60 9.74
N ALA E 81 21.55 -10.84 10.16
CA ALA E 81 22.53 -11.66 10.86
C ALA E 81 23.74 -11.95 9.99
N ASP E 82 23.51 -12.29 8.73
CA ASP E 82 24.62 -12.56 7.81
C ASP E 82 25.47 -11.31 7.60
N PHE E 83 24.82 -10.14 7.50
CA PHE E 83 25.55 -8.89 7.34
C PHE E 83 26.45 -8.62 8.54
N LEU E 84 25.93 -8.81 9.75
CA LEU E 84 26.74 -8.60 10.94
C LEU E 84 27.90 -9.59 10.99
N SER E 85 27.64 -10.85 10.64
CA SER E 85 28.71 -11.85 10.66
C SER E 85 29.81 -11.49 9.66
N CYS E 86 29.42 -11.04 8.47
CA CYS E 86 30.42 -10.63 7.47
C CYS E 86 31.18 -9.39 7.94
N LEU E 87 30.49 -8.46 8.59
CA LEU E 87 31.15 -7.26 9.11
C LEU E 87 32.15 -7.59 10.21
N ALA E 88 31.92 -8.65 10.96
CA ALA E 88 32.84 -9.05 12.02
C ALA E 88 34.03 -9.86 11.53
N LEU E 89 34.26 -9.92 10.22
CA LEU E 89 35.34 -10.71 9.63
C LEU E 89 36.72 -10.04 9.69
N PRO E 90 36.85 -8.74 9.42
CA PRO E 90 38.21 -8.13 9.44
C PRO E 90 38.94 -8.31 10.75
N ILE E 91 38.23 -8.32 11.89
CA ILE E 91 38.89 -8.53 13.18
C ILE E 91 39.55 -9.91 13.19
N LEU E 92 38.82 -10.94 12.75
CA LEU E 92 39.38 -12.28 12.66
C LEU E 92 40.54 -12.33 11.66
N PHE E 93 40.44 -11.58 10.57
CA PHE E 93 41.52 -11.55 9.60
C PHE E 93 42.80 -10.98 10.21
N THR E 94 42.69 -9.86 10.94
CA THR E 94 43.86 -9.27 11.57
C THR E 94 44.41 -10.15 12.69
N SER E 95 43.53 -10.86 13.40
CA SER E 95 43.97 -11.67 14.53
C SER E 95 44.87 -12.83 14.10
N ILE E 96 44.83 -13.22 12.83
CA ILE E 96 45.67 -14.32 12.38
C ILE E 96 47.08 -13.82 12.04
N VAL E 97 47.18 -12.64 11.42
CA VAL E 97 48.48 -12.10 11.05
C VAL E 97 49.31 -11.80 12.30
N GLN E 98 48.68 -11.23 13.33
CA GLN E 98 49.37 -10.84 14.54
C GLN E 98 49.62 -12.00 15.50
N HIS E 99 49.49 -13.24 15.03
CA HIS E 99 49.73 -14.43 15.85
C HIS E 99 48.88 -14.42 17.12
N HIS E 100 47.60 -14.12 16.94
CA HIS E 100 46.61 -14.19 18.01
C HIS E 100 46.96 -13.26 19.18
N HIS E 101 46.99 -11.97 18.87
CA HIS E 101 47.22 -10.92 19.85
C HIS E 101 45.93 -10.16 20.09
N TRP E 102 45.66 -9.81 21.35
CA TRP E 102 44.41 -9.18 21.73
C TRP E 102 44.67 -7.79 22.29
N PRO E 103 44.69 -6.75 21.46
CA PRO E 103 44.99 -5.40 21.97
C PRO E 103 43.80 -4.66 22.54
N PHE E 104 42.59 -5.17 22.40
CA PHE E 104 41.40 -4.41 22.81
C PHE E 104 41.32 -4.24 24.31
N GLY E 105 41.54 -5.31 25.07
CA GLY E 105 41.52 -5.22 26.51
C GLY E 105 40.79 -6.33 27.23
N GLY E 106 40.21 -6.02 28.38
CA GLY E 106 39.54 -7.02 29.20
C GLY E 106 38.08 -7.23 28.89
N ALA E 107 37.32 -6.13 28.82
CA ALA E 107 35.88 -6.24 28.61
C ALA E 107 35.50 -6.72 27.21
N ALA E 108 36.29 -6.38 26.19
CA ALA E 108 35.99 -6.83 24.84
C ALA E 108 36.12 -8.35 24.73
N CYS E 109 37.13 -8.93 25.40
CA CYS E 109 37.34 -10.37 25.38
C CYS E 109 36.16 -11.14 25.94
N SER E 110 35.31 -10.50 26.75
CA SER E 110 34.12 -11.15 27.29
C SER E 110 32.84 -10.76 26.57
N ILE E 111 32.90 -9.86 25.59
CA ILE E 111 31.69 -9.38 24.94
C ILE E 111 31.67 -9.79 23.48
N LEU E 112 32.73 -9.45 22.73
CA LEU E 112 32.68 -9.60 21.28
C LEU E 112 32.48 -11.04 20.81
N PRO E 113 33.20 -12.05 21.32
CA PRO E 113 32.93 -13.42 20.87
C PRO E 113 31.50 -13.87 21.10
N SER E 114 30.87 -13.39 22.18
CA SER E 114 29.48 -13.77 22.44
C SER E 114 28.56 -13.25 21.34
N LEU E 115 28.76 -12.01 20.90
CA LEU E 115 27.96 -11.49 19.79
C LEU E 115 28.23 -12.25 18.50
N ILE E 116 29.50 -12.59 18.27
CA ILE E 116 29.84 -13.38 17.08
C ILE E 116 29.09 -14.71 17.08
N LEU E 117 29.03 -15.38 18.23
CA LEU E 117 28.31 -16.65 18.33
C LEU E 117 26.80 -16.44 18.22
N LEU E 118 26.30 -15.32 18.76
CA LEU E 118 24.88 -15.01 18.70
C LEU E 118 24.41 -14.90 17.26
N ASN E 119 25.20 -14.23 16.42
CA ASN E 119 24.82 -14.12 15.00
C ASN E 119 24.73 -15.50 14.35
N MET E 120 25.67 -16.39 14.65
CA MET E 120 25.66 -17.74 14.09
C MET E 120 24.39 -18.48 14.49
N TYR E 121 24.10 -18.49 15.79
CA TYR E 121 22.97 -19.26 16.29
C TYR E 121 21.65 -18.69 15.79
N ALA E 122 21.56 -17.36 15.66
CA ALA E 122 20.38 -16.76 15.06
C ALA E 122 20.24 -17.20 13.61
N SER E 123 21.34 -17.20 12.84
CA SER E 123 21.27 -17.59 11.44
C SER E 123 20.93 -19.05 11.25
N ILE E 124 21.14 -19.90 12.24
CA ILE E 124 20.72 -21.31 12.19
C ILE E 124 19.26 -21.47 12.59
N LEU E 125 18.87 -20.91 13.74
CA LEU E 125 17.51 -21.06 14.22
C LEU E 125 16.51 -20.40 13.28
N LEU E 126 16.89 -19.33 12.60
CA LEU E 126 15.99 -18.70 11.65
C LEU E 126 15.69 -19.62 10.48
N LEU E 127 16.71 -20.32 9.97
CA LEU E 127 16.47 -21.29 8.90
C LEU E 127 15.57 -22.42 9.38
N ALA E 128 15.80 -22.90 10.60
CA ALA E 128 14.92 -23.93 11.14
C ALA E 128 13.47 -23.46 11.22
N THR E 129 13.26 -22.23 11.69
CA THR E 129 11.90 -21.70 11.83
C THR E 129 11.27 -21.48 10.46
N ILE E 130 12.04 -21.06 9.46
CA ILE E 130 11.52 -20.90 8.11
C ILE E 130 11.06 -22.24 7.56
N SER E 131 11.85 -23.29 7.77
CA SER E 131 11.44 -24.62 7.34
C SER E 131 10.15 -25.05 8.02
N ALA E 132 10.03 -24.80 9.34
CA ALA E 132 8.80 -25.15 10.03
C ALA E 132 7.61 -24.36 9.49
N ASP E 133 7.82 -23.08 9.15
CA ASP E 133 6.74 -22.28 8.60
C ASP E 133 6.28 -22.82 7.25
N ARG E 134 7.23 -23.21 6.39
CA ARG E 134 6.84 -23.79 5.10
C ARG E 134 6.08 -25.10 5.29
N PHE E 135 6.53 -25.93 6.23
CA PHE E 135 5.81 -27.18 6.50
C PHE E 135 4.39 -26.90 6.97
N LEU E 136 4.22 -25.94 7.88
CA LEU E 136 2.90 -25.60 8.38
C LEU E 136 2.05 -24.88 7.34
N LEU E 137 2.67 -24.32 6.29
CA LEU E 137 1.91 -23.69 5.22
C LEU E 137 1.48 -24.69 4.15
N VAL E 138 2.26 -25.74 3.93
CA VAL E 138 1.88 -26.74 2.93
C VAL E 138 0.79 -27.64 3.50
N PHE E 139 1.09 -28.33 4.60
CA PHE E 139 0.06 -29.02 5.34
C PHE E 139 -0.78 -28.00 6.12
N LYS E 140 -2.06 -28.32 6.29
CA LYS E 140 -3.00 -27.46 7.01
C LYS E 140 -3.05 -26.05 6.44
N PRO E 141 -3.53 -25.86 5.21
CA PRO E 141 -3.60 -24.51 4.65
C PRO E 141 -4.82 -23.72 5.11
N ILE E 142 -5.89 -24.44 5.45
CA ILE E 142 -7.13 -23.78 5.86
C ILE E 142 -6.92 -22.98 7.15
N TRP E 143 -6.23 -23.59 8.13
CA TRP E 143 -5.95 -22.87 9.37
C TRP E 143 -5.05 -21.67 9.12
N CYS E 144 -4.07 -21.80 8.22
CA CYS E 144 -3.16 -20.70 7.94
C CYS E 144 -3.82 -19.58 7.13
N GLN E 145 -4.94 -19.85 6.46
CA GLN E 145 -5.65 -18.79 5.77
C GLN E 145 -6.55 -17.97 6.70
N ASN E 146 -6.79 -18.45 7.91
CA ASN E 146 -7.67 -17.76 8.85
C ASN E 146 -6.93 -17.10 10.01
N PHE E 147 -5.91 -17.75 10.57
CA PHE E 147 -5.28 -17.28 11.80
C PHE E 147 -3.78 -17.04 11.62
N ARG E 148 -3.36 -16.59 10.45
CA ARG E 148 -1.95 -16.29 10.20
C ARG E 148 -1.83 -14.89 9.64
N GLY E 149 -0.93 -14.10 10.22
CA GLY E 149 -0.73 -12.72 9.78
C GLY E 149 0.72 -12.30 9.79
N ALA E 150 1.01 -11.13 10.36
CA ALA E 150 2.36 -10.60 10.40
C ALA E 150 2.97 -10.57 11.80
N GLY E 151 2.16 -10.60 12.86
CA GLY E 151 2.71 -10.57 14.19
C GLY E 151 3.29 -11.90 14.63
N LEU E 152 2.73 -13.01 14.14
CA LEU E 152 3.25 -14.32 14.51
C LEU E 152 4.69 -14.50 14.05
N ALA E 153 5.01 -14.00 12.85
CA ALA E 153 6.39 -14.09 12.36
C ALA E 153 7.35 -13.31 13.25
N TRP E 154 6.94 -12.12 13.68
CA TRP E 154 7.79 -11.33 14.58
C TRP E 154 7.97 -12.03 15.91
N ILE E 155 6.90 -12.65 16.43
CA ILE E 155 7.02 -13.40 17.68
C ILE E 155 8.00 -14.56 17.52
N ALA E 156 7.90 -15.29 16.40
CA ALA E 156 8.81 -16.40 16.16
C ALA E 156 10.26 -15.94 16.07
N CYS E 157 10.49 -14.82 15.37
CA CYS E 157 11.84 -14.28 15.28
C CYS E 157 12.37 -13.87 16.64
N ALA E 158 11.52 -13.25 17.46
CA ALA E 158 11.93 -12.87 18.81
C ALA E 158 12.30 -14.10 19.64
N VAL E 159 11.51 -15.17 19.52
CA VAL E 159 11.83 -16.40 20.23
C VAL E 159 13.17 -16.97 19.76
N ALA E 160 13.42 -16.92 18.45
CA ALA E 160 14.69 -17.42 17.92
C ALA E 160 15.88 -16.63 18.49
N TRP E 161 15.79 -15.30 18.47
CA TRP E 161 16.88 -14.49 19.02
C TRP E 161 17.06 -14.72 20.51
N GLY E 162 15.96 -14.87 21.25
CA GLY E 162 16.05 -15.15 22.68
C GLY E 162 16.72 -16.47 22.97
N LEU E 163 16.38 -17.51 22.19
CA LEU E 163 17.04 -18.79 22.35
C LEU E 163 18.53 -18.69 22.02
N ALA E 164 18.88 -17.90 21.00
CA ALA E 164 20.29 -17.71 20.68
C ALA E 164 21.04 -17.05 21.84
N LEU E 165 20.43 -16.04 22.46
CA LEU E 165 21.07 -15.38 23.59
C LEU E 165 21.20 -16.34 24.79
N LEU E 166 20.15 -17.10 25.06
CA LEU E 166 20.20 -18.06 26.17
C LEU E 166 21.25 -19.14 25.93
N LEU E 167 21.52 -19.46 24.66
CA LEU E 167 22.56 -20.42 24.34
C LEU E 167 23.95 -19.80 24.37
N THR E 168 24.07 -18.49 24.13
CA THR E 168 25.37 -17.85 24.06
C THR E 168 25.83 -17.23 25.39
N ILE E 169 24.98 -17.19 26.41
CA ILE E 169 25.41 -16.63 27.70
C ILE E 169 26.63 -17.33 28.32
N PRO E 170 26.89 -18.63 28.11
CA PRO E 170 28.15 -19.19 28.64
C PRO E 170 29.39 -18.51 28.07
N SER E 171 29.31 -17.94 26.87
CA SER E 171 30.43 -17.16 26.35
C SER E 171 30.68 -15.93 27.21
N PHE E 172 29.62 -15.27 27.67
CA PHE E 172 29.76 -14.21 28.66
C PHE E 172 30.40 -14.74 29.94
N LEU E 173 29.95 -15.90 30.39
CA LEU E 173 30.31 -16.37 31.73
C LEU E 173 31.80 -16.69 31.84
N TYR E 174 32.34 -17.48 30.91
CA TYR E 174 33.62 -18.16 31.10
C TYR E 174 34.71 -17.72 30.13
N ARG E 175 34.86 -16.42 29.89
CA ARG E 175 35.93 -15.91 29.04
C ARG E 175 36.82 -14.97 29.84
N VAL E 176 38.13 -15.20 29.75
CA VAL E 176 39.12 -14.45 30.52
C VAL E 176 40.31 -14.13 29.61
N VAL E 177 41.30 -13.46 30.18
CA VAL E 177 42.53 -13.11 29.47
C VAL E 177 43.71 -13.69 30.25
N ARG E 178 44.81 -13.91 29.51
CA ARG E 178 46.03 -14.41 30.12
C ARG E 178 47.22 -13.71 29.47
N GLU E 179 48.31 -13.59 30.21
CA GLU E 179 49.49 -12.85 29.76
C GLU E 179 50.68 -13.79 29.71
N GLU E 180 51.35 -13.83 28.56
CA GLU E 180 52.60 -14.56 28.39
C GLU E 180 53.71 -13.56 28.15
N TYR E 181 54.86 -13.79 28.81
CA TYR E 181 55.91 -12.78 28.82
C TYR E 181 56.98 -13.00 27.75
N PHE E 182 57.25 -14.24 27.39
CA PHE E 182 58.23 -14.49 26.33
C PHE E 182 57.55 -15.11 25.13
N PRO E 183 57.30 -14.38 24.02
CA PRO E 183 57.34 -12.92 23.96
C PRO E 183 56.14 -12.27 24.67
N PRO E 184 56.22 -10.98 24.96
CA PRO E 184 55.10 -10.29 25.62
C PRO E 184 53.87 -10.26 24.73
N LYS E 185 52.81 -10.92 25.19
CA LYS E 185 51.53 -10.92 24.49
C LYS E 185 50.43 -11.29 25.47
N VAL E 186 49.19 -11.00 25.06
CA VAL E 186 48.00 -11.29 25.86
C VAL E 186 47.00 -12.04 24.99
N LEU E 187 46.36 -13.05 25.55
CA LEU E 187 45.46 -13.94 24.83
C LEU E 187 44.10 -13.97 25.48
N CYS E 188 43.06 -14.05 24.65
CA CYS E 188 41.68 -14.23 25.08
C CYS E 188 41.36 -15.72 25.06
N GLY E 189 40.96 -16.27 26.21
CA GLY E 189 40.71 -17.69 26.31
C GLY E 189 39.59 -18.06 27.25
N VAL E 190 39.42 -19.36 27.50
CA VAL E 190 38.34 -19.89 28.31
C VAL E 190 38.93 -20.74 29.42
N ASP E 191 38.50 -20.49 30.65
CA ASP E 191 39.00 -21.20 31.83
C ASP E 191 37.83 -21.74 32.63
N TYR E 192 37.88 -23.03 32.96
CA TYR E 192 36.87 -23.67 33.79
C TYR E 192 37.35 -23.99 35.20
N SER E 193 38.62 -23.71 35.51
CA SER E 193 39.18 -23.93 36.84
C SER E 193 39.04 -25.40 37.27
N HIS E 194 39.46 -26.30 36.38
CA HIS E 194 39.47 -27.74 36.65
C HIS E 194 38.07 -28.26 37.00
N ASP E 195 37.17 -28.15 36.02
CA ASP E 195 35.81 -28.68 36.15
C ASP E 195 35.44 -29.30 34.80
N LYS E 196 35.70 -30.60 34.66
CA LYS E 196 35.42 -31.28 33.40
C LYS E 196 33.92 -31.42 33.16
N ARG E 197 33.14 -31.63 34.23
CA ARG E 197 31.72 -31.89 34.08
C ARG E 197 31.01 -30.71 33.44
N ARG E 198 31.32 -29.50 33.89
CA ARG E 198 30.66 -28.31 33.33
C ARG E 198 31.00 -28.13 31.87
N GLU E 199 32.27 -28.30 31.50
CA GLU E 199 32.68 -28.14 30.11
C GLU E 199 32.01 -29.18 29.21
N ARG E 200 31.98 -30.43 29.66
CA ARG E 200 31.34 -31.49 28.87
C ARG E 200 29.84 -31.24 28.72
N ALA E 201 29.19 -30.80 29.80
CA ALA E 201 27.76 -30.49 29.72
C ALA E 201 27.50 -29.35 28.75
N VAL E 202 28.34 -28.31 28.80
CA VAL E 202 28.18 -27.19 27.87
C VAL E 202 28.35 -27.67 26.44
N ALA E 203 29.33 -28.53 26.19
CA ALA E 203 29.55 -29.05 24.84
C ALA E 203 28.35 -29.85 24.36
N ILE E 204 27.79 -30.71 25.22
CA ILE E 204 26.64 -31.52 24.82
C ILE E 204 25.44 -30.63 24.52
N VAL E 205 25.16 -29.66 25.38
CA VAL E 205 24.00 -28.80 25.16
C VAL E 205 24.18 -27.96 23.90
N ARG E 206 25.41 -27.51 23.64
CA ARG E 206 25.66 -26.69 22.46
C ARG E 206 25.63 -27.52 21.17
N LEU E 207 25.95 -28.81 21.24
CA LEU E 207 25.88 -29.63 20.04
C LEU E 207 24.44 -30.08 19.76
N VAL E 208 23.72 -30.52 20.79
CA VAL E 208 22.38 -31.07 20.56
C VAL E 208 21.42 -29.99 20.08
N LEU E 209 21.45 -28.82 20.69
CA LEU E 209 20.54 -27.73 20.36
C LEU E 209 21.08 -26.80 19.29
N GLY E 210 22.24 -27.12 18.71
CA GLY E 210 22.80 -26.25 17.69
C GLY E 210 22.97 -26.91 16.34
N PHE E 211 23.12 -28.22 16.31
CA PHE E 211 23.33 -28.94 15.06
C PHE E 211 22.26 -30.00 14.79
N LEU E 212 22.05 -30.92 15.73
CA LEU E 212 21.23 -32.10 15.44
C LEU E 212 19.75 -31.73 15.28
N TRP E 213 19.21 -30.95 16.22
CA TRP E 213 17.79 -30.61 16.16
C TRP E 213 17.44 -29.81 14.92
N PRO E 214 18.15 -28.73 14.56
CA PRO E 214 17.83 -28.05 13.29
C PRO E 214 17.95 -28.95 12.07
N LEU E 215 18.97 -29.82 12.04
CA LEU E 215 19.13 -30.70 10.88
C LEU E 215 17.94 -31.64 10.75
N LEU E 216 17.51 -32.23 11.87
CA LEU E 216 16.35 -33.11 11.86
C LEU E 216 15.10 -32.37 11.41
N THR E 217 14.91 -31.14 11.92
CA THR E 217 13.73 -30.37 11.54
C THR E 217 13.72 -30.09 10.04
N LEU E 218 14.84 -29.58 9.51
CA LEU E 218 14.94 -29.32 8.07
C LEU E 218 14.64 -30.57 7.25
N THR E 219 15.31 -31.69 7.57
CA THR E 219 15.17 -32.86 6.71
C THR E 219 13.74 -33.42 6.77
N ILE E 220 13.17 -33.54 7.98
CA ILE E 220 11.83 -34.11 8.09
C ILE E 220 10.81 -33.22 7.40
N CYS E 221 10.84 -31.92 7.69
CA CYS E 221 9.87 -31.00 7.11
C CYS E 221 9.97 -30.99 5.59
N TYR E 222 11.19 -30.98 5.05
CA TYR E 222 11.33 -30.86 3.61
C TYR E 222 10.98 -32.16 2.89
N THR E 223 11.28 -33.32 3.48
CA THR E 223 10.82 -34.56 2.86
C THR E 223 9.30 -34.66 2.88
N PHE E 224 8.65 -34.26 3.97
CA PHE E 224 7.19 -34.26 4.00
C PHE E 224 6.61 -33.31 2.96
N ILE E 225 7.20 -32.12 2.84
CA ILE E 225 6.74 -31.15 1.86
C ILE E 225 6.87 -31.71 0.45
N LEU E 226 8.02 -32.33 0.15
CA LEU E 226 8.25 -32.89 -1.17
C LEU E 226 7.24 -33.99 -1.50
N LEU E 227 7.01 -34.89 -0.54
CA LEU E 227 6.06 -35.98 -0.78
C LEU E 227 4.66 -35.44 -1.03
N ARG E 228 4.19 -34.51 -0.18
CA ARG E 228 2.84 -34.00 -0.35
C ARG E 228 2.70 -33.19 -1.64
N THR E 229 3.74 -32.42 -2.00
CA THR E 229 3.69 -31.64 -3.22
C THR E 229 3.66 -32.52 -4.46
N TRP E 230 4.48 -33.57 -4.49
CA TRP E 230 4.49 -34.47 -5.64
C TRP E 230 3.35 -35.48 -5.63
N SER E 231 2.57 -35.53 -4.55
CA SER E 231 1.41 -36.42 -4.53
C SER E 231 0.40 -36.04 -5.61
N ARG E 232 0.17 -34.74 -5.83
CA ARG E 232 -0.83 -34.28 -6.78
C ARG E 232 -0.16 -33.56 -7.94
N ARG E 233 -0.87 -33.54 -9.08
CA ARG E 233 -0.30 -33.01 -10.32
C ARG E 233 -0.25 -31.48 -10.33
N ALA E 234 -1.25 -30.82 -9.76
CA ALA E 234 -1.35 -29.37 -9.89
C ALA E 234 -0.20 -28.65 -9.21
N THR E 235 0.33 -29.21 -8.12
CA THR E 235 1.38 -28.57 -7.35
C THR E 235 2.78 -29.11 -7.68
N ARG E 236 2.90 -30.02 -8.62
CA ARG E 236 4.16 -30.71 -8.87
C ARG E 236 5.09 -29.86 -9.74
N SER E 237 6.32 -29.67 -9.27
CA SER E 237 7.32 -28.93 -10.01
C SER E 237 8.70 -29.44 -9.63
N THR E 238 9.68 -29.15 -10.48
CA THR E 238 11.05 -29.63 -10.28
C THR E 238 11.94 -28.64 -9.55
N LYS E 239 11.53 -27.38 -9.42
CA LYS E 239 12.37 -26.39 -8.73
C LYS E 239 12.45 -26.67 -7.23
N THR E 240 11.39 -27.25 -6.66
CA THR E 240 11.37 -27.55 -5.23
C THR E 240 12.48 -28.51 -4.86
N LEU E 241 12.67 -29.57 -5.67
CA LEU E 241 13.73 -30.53 -5.41
C LEU E 241 15.09 -29.86 -5.41
N LYS E 242 15.36 -29.02 -6.42
CA LYS E 242 16.64 -28.35 -6.51
C LYS E 242 16.90 -27.47 -5.29
N VAL E 243 15.91 -26.65 -4.92
CA VAL E 243 16.10 -25.73 -3.81
C VAL E 243 16.32 -26.49 -2.51
N VAL E 244 15.50 -27.52 -2.26
CA VAL E 244 15.60 -28.28 -1.01
C VAL E 244 16.96 -28.98 -0.92
N VAL E 245 17.37 -29.64 -1.99
CA VAL E 245 18.63 -30.36 -1.98
C VAL E 245 19.79 -29.40 -1.77
N ALA E 246 19.77 -28.26 -2.48
CA ALA E 246 20.84 -27.28 -2.33
C ALA E 246 20.94 -26.80 -0.89
N VAL E 247 19.81 -26.41 -0.29
CA VAL E 247 19.84 -25.86 1.07
C VAL E 247 20.36 -26.90 2.06
N VAL E 248 19.78 -28.10 2.03
CA VAL E 248 20.14 -29.11 3.03
C VAL E 248 21.59 -29.55 2.85
N ALA E 249 22.02 -29.79 1.61
CA ALA E 249 23.40 -30.22 1.39
C ALA E 249 24.38 -29.15 1.80
N SER E 250 24.11 -27.88 1.47
CA SER E 250 25.00 -26.80 1.88
C SER E 250 25.13 -26.76 3.39
N PHE E 251 24.00 -26.78 4.10
CA PHE E 251 24.03 -26.75 5.56
C PHE E 251 24.87 -27.88 6.12
N PHE E 252 24.58 -29.11 5.71
CA PHE E 252 25.26 -30.27 6.28
C PHE E 252 26.76 -30.23 5.99
N ILE E 253 27.13 -30.06 4.71
CA ILE E 253 28.53 -30.11 4.32
C ILE E 253 29.32 -28.99 4.99
N PHE E 254 28.77 -27.78 5.03
CA PHE E 254 29.50 -26.63 5.53
C PHE E 254 29.43 -26.46 7.03
N TRP E 255 28.65 -27.29 7.74
CA TRP E 255 28.66 -27.22 9.19
C TRP E 255 29.19 -28.47 9.89
N LEU E 256 29.35 -29.60 9.20
CA LEU E 256 29.85 -30.79 9.86
C LEU E 256 31.27 -30.64 10.41
N PRO E 257 32.28 -30.17 9.63
CA PRO E 257 33.65 -30.11 10.16
C PRO E 257 33.78 -29.26 11.42
N TYR E 258 33.24 -28.05 11.44
CA TYR E 258 33.29 -27.20 12.66
C TYR E 258 32.76 -27.96 13.88
N GLN E 259 31.58 -28.53 13.81
CA GLN E 259 31.05 -29.18 15.00
C GLN E 259 31.86 -30.39 15.42
N VAL E 260 32.32 -31.22 14.46
CA VAL E 260 33.10 -32.39 14.86
C VAL E 260 34.43 -31.95 15.49
N THR E 261 35.09 -30.96 14.92
CA THR E 261 36.32 -30.45 15.51
C THR E 261 36.06 -29.83 16.88
N GLY E 262 34.98 -29.06 17.02
CA GLY E 262 34.72 -28.36 18.26
C GLY E 262 34.26 -29.27 19.38
N ILE E 263 33.77 -30.46 19.06
CA ILE E 263 33.46 -31.42 20.11
C ILE E 263 34.65 -32.33 20.43
N MET E 264 35.43 -32.74 19.42
CA MET E 264 36.61 -33.55 19.68
C MET E 264 37.63 -32.78 20.51
N MET E 265 37.91 -31.53 20.12
CA MET E 265 38.79 -30.69 20.92
C MET E 265 38.20 -30.43 22.30
N SER E 266 36.88 -30.44 22.42
CA SER E 266 36.24 -30.16 23.71
C SER E 266 36.44 -31.31 24.70
N PHE E 267 36.32 -32.56 24.25
CA PHE E 267 36.47 -33.69 25.16
C PHE E 267 37.92 -34.13 25.37
N LEU E 268 38.89 -33.47 24.76
CA LEU E 268 40.27 -33.94 24.79
C LEU E 268 41.13 -33.04 25.68
N GLU E 269 42.28 -33.59 26.10
CA GLU E 269 43.20 -32.92 27.00
C GLU E 269 44.08 -31.93 26.23
N PRO E 270 44.55 -30.86 26.88
CA PRO E 270 45.33 -29.84 26.17
C PRO E 270 46.75 -30.27 25.84
N SER E 271 47.08 -31.54 26.05
CA SER E 271 48.43 -32.04 25.76
C SER E 271 48.30 -33.46 25.22
N SER E 272 48.27 -33.58 23.90
CA SER E 272 48.18 -34.87 23.22
C SER E 272 48.48 -34.65 21.74
N PRO E 273 49.01 -35.66 21.05
CA PRO E 273 49.29 -35.49 19.61
C PRO E 273 48.03 -35.17 18.81
N THR E 274 46.90 -35.74 19.20
CA THR E 274 45.64 -35.45 18.50
C THR E 274 45.22 -34.00 18.69
N PHE E 275 45.41 -33.45 19.90
CA PHE E 275 45.08 -32.05 20.12
C PHE E 275 45.95 -31.14 19.27
N LEU E 276 47.25 -31.43 19.19
CA LEU E 276 48.13 -30.64 18.34
C LEU E 276 47.76 -30.76 16.87
N LEU E 277 47.35 -31.96 16.44
CA LEU E 277 46.90 -32.14 15.06
C LEU E 277 45.65 -31.30 14.78
N LEU E 278 44.70 -31.30 15.71
CA LEU E 278 43.46 -30.54 15.53
C LEU E 278 43.72 -29.04 15.56
N LYS E 279 44.67 -28.59 16.38
CA LYS E 279 44.97 -27.16 16.46
C LYS E 279 45.53 -26.61 15.17
N LYS E 280 46.02 -27.47 14.27
CA LYS E 280 46.56 -27.00 12.99
C LYS E 280 45.47 -26.68 11.97
N LEU E 281 44.21 -27.05 12.22
CA LEU E 281 43.15 -26.92 11.23
C LEU E 281 41.88 -26.33 11.83
N ASP E 282 42.01 -25.27 12.62
CA ASP E 282 40.84 -24.64 13.23
C ASP E 282 40.32 -23.47 12.40
N SER E 283 41.22 -22.58 11.97
CA SER E 283 40.79 -21.42 11.18
C SER E 283 40.22 -21.84 9.84
N LEU E 284 40.78 -22.90 9.25
CA LEU E 284 40.24 -23.41 7.99
C LEU E 284 38.80 -23.86 8.17
N CYS E 285 38.52 -24.60 9.25
CA CYS E 285 37.15 -25.03 9.52
C CYS E 285 36.23 -23.85 9.78
N VAL E 286 36.72 -22.84 10.50
CA VAL E 286 35.89 -21.67 10.79
C VAL E 286 35.51 -20.94 9.51
N SER E 287 36.48 -20.74 8.61
CA SER E 287 36.17 -20.08 7.34
C SER E 287 35.24 -20.94 6.49
N PHE E 288 35.47 -22.25 6.49
CA PHE E 288 34.62 -23.17 5.73
C PHE E 288 33.18 -23.08 6.21
N ALA E 289 33.00 -22.92 7.53
CA ALA E 289 31.66 -22.70 8.09
C ALA E 289 31.09 -21.36 7.68
N TYR E 290 31.86 -20.29 7.63
CA TYR E 290 31.26 -18.97 7.33
C TYR E 290 30.86 -18.87 5.86
N ILE E 291 31.26 -19.81 5.02
CA ILE E 291 30.96 -19.70 3.57
C ILE E 291 29.46 -19.89 3.45
N ASN E 292 28.85 -20.52 4.44
CA ASN E 292 27.40 -20.65 4.36
C ASN E 292 26.71 -19.29 4.49
N CYS E 293 27.24 -18.41 5.34
CA CYS E 293 26.68 -17.07 5.48
C CYS E 293 26.76 -16.25 4.21
N CYS E 294 27.65 -16.61 3.29
CA CYS E 294 27.72 -15.99 1.97
C CYS E 294 26.84 -16.73 0.96
N ILE E 295 26.70 -18.04 1.14
CA ILE E 295 25.85 -18.82 0.23
C ILE E 295 24.38 -18.45 0.39
N ASN E 296 23.94 -18.22 1.63
CA ASN E 296 22.50 -18.03 1.86
C ASN E 296 21.89 -16.87 1.06
N PRO E 297 22.50 -15.69 0.95
CA PRO E 297 21.87 -14.62 0.16
C PRO E 297 21.68 -14.97 -1.32
N ILE E 298 22.47 -15.88 -1.87
CA ILE E 298 22.42 -16.15 -3.31
C ILE E 298 21.13 -16.86 -3.69
N ILE E 299 20.68 -17.81 -2.87
CA ILE E 299 19.49 -18.59 -3.21
C ILE E 299 18.26 -17.70 -3.28
N TYR E 300 18.16 -16.70 -2.40
CA TYR E 300 17.01 -15.80 -2.44
C TYR E 300 16.93 -15.04 -3.75
N VAL E 301 18.08 -14.56 -4.24
CA VAL E 301 18.09 -13.81 -5.49
C VAL E 301 17.83 -14.74 -6.68
N VAL E 302 18.50 -15.90 -6.70
CA VAL E 302 18.40 -16.79 -7.85
C VAL E 302 17.02 -17.45 -7.90
N ALA E 303 16.57 -18.00 -6.78
CA ALA E 303 15.29 -18.70 -6.71
C ALA E 303 14.11 -17.77 -6.49
N GLY E 304 14.29 -16.47 -6.71
CA GLY E 304 13.19 -15.53 -6.58
C GLY E 304 12.69 -15.04 -7.92
N GLN E 305 11.51 -14.43 -7.93
CA GLN E 305 10.88 -13.97 -9.16
C GLN E 305 11.09 -12.47 -9.30
N GLY E 306 11.75 -12.07 -10.39
CA GLY E 306 11.91 -10.68 -10.72
C GLY E 306 12.67 -9.85 -9.71
N PHE E 307 13.82 -10.35 -9.24
CA PHE E 307 14.65 -9.58 -8.32
C PHE E 307 15.18 -8.31 -8.96
N GLN E 308 15.52 -8.38 -10.26
CA GLN E 308 15.98 -7.19 -10.96
C GLN E 308 14.91 -6.12 -11.01
N GLY E 309 13.66 -6.51 -11.27
CA GLY E 309 12.57 -5.55 -11.28
C GLY E 309 12.33 -4.94 -9.91
N ARG E 310 12.39 -5.76 -8.85
CA ARG E 310 12.19 -5.25 -7.51
C ARG E 310 13.32 -4.31 -7.10
N LEU E 311 14.54 -4.56 -7.58
CA LEU E 311 15.63 -3.63 -7.32
C LEU E 311 15.45 -2.33 -8.10
N ARG E 312 14.98 -2.43 -9.35
CA ARG E 312 14.74 -1.23 -10.15
C ARG E 312 13.59 -0.40 -9.58
N LYS E 313 12.67 -1.03 -8.86
CA LYS E 313 11.55 -0.30 -8.27
C LYS E 313 12.03 0.73 -7.26
N SER E 314 13.00 0.36 -6.43
CA SER E 314 13.54 1.28 -5.43
C SER E 314 15.07 1.33 -5.50
N THR F 1 53.88 -17.19 38.19
CA THR F 1 55.20 -16.87 38.72
C THR F 1 56.30 -17.40 37.81
N LEU F 2 55.94 -17.66 36.55
CA LEU F 2 56.92 -18.15 35.58
C LEU F 2 58.01 -17.11 35.34
N GLN F 3 57.63 -15.84 35.25
CA GLN F 3 58.61 -14.78 35.01
C GLN F 3 59.63 -14.71 36.14
N LYS F 4 59.16 -14.78 37.39
CA LYS F 4 60.08 -14.68 38.52
C LYS F 4 61.06 -15.84 38.54
N LYS F 5 60.57 -17.06 38.31
CA LYS F 5 61.46 -18.22 38.33
C LYS F 5 62.44 -18.21 37.17
N ILE F 6 61.99 -17.77 35.98
CA ILE F 6 62.91 -17.69 34.85
C ILE F 6 63.98 -16.63 35.12
N GLU F 7 63.60 -15.50 35.71
CA GLU F 7 64.59 -14.50 36.07
C GLU F 7 65.57 -15.03 37.10
N GLU F 8 65.06 -15.81 38.07
CA GLU F 8 65.95 -16.42 39.06
C GLU F 8 66.95 -17.36 38.39
N ILE F 9 66.50 -18.16 37.43
CA ILE F 9 67.41 -19.05 36.72
C ILE F 9 68.43 -18.24 35.92
N ALA F 10 67.98 -17.19 35.24
CA ALA F 10 68.87 -16.37 34.43
C ALA F 10 69.84 -15.54 35.26
N ALA F 11 69.55 -15.34 36.54
CA ALA F 11 70.45 -14.58 37.41
C ALA F 11 71.79 -15.27 37.62
N LYS F 12 71.91 -16.55 37.29
CA LYS F 12 73.17 -17.28 37.38
C LYS F 12 73.97 -17.22 36.08
N TYR F 13 73.77 -16.17 35.29
CA TYR F 13 74.45 -16.02 34.02
C TYR F 13 75.87 -15.49 34.22
N LYS F 14 76.68 -15.60 33.16
CA LYS F 14 78.04 -15.08 33.18
C LYS F 14 78.25 -14.14 31.99
N HIS F 15 77.56 -14.41 30.88
CA HIS F 15 77.67 -13.62 29.67
C HIS F 15 76.28 -13.31 29.14
N SER F 16 76.20 -12.25 28.33
CA SER F 16 74.92 -11.90 27.71
C SER F 16 74.43 -13.00 26.78
N VAL F 17 75.35 -13.76 26.18
CA VAL F 17 74.96 -14.85 25.30
C VAL F 17 74.21 -15.92 26.09
N VAL F 18 74.62 -16.16 27.34
CA VAL F 18 73.92 -17.13 28.18
C VAL F 18 72.50 -16.67 28.46
N LYS F 19 72.31 -15.38 28.75
CA LYS F 19 70.97 -14.85 28.96
C LYS F 19 70.14 -14.97 27.69
N LYS F 20 70.73 -14.68 26.54
CA LYS F 20 70.01 -14.82 25.27
C LYS F 20 69.60 -16.27 25.04
N CYS F 21 70.50 -17.22 25.36
CA CYS F 21 70.16 -18.63 25.21
C CYS F 21 69.02 -19.03 26.13
N CYS F 22 69.03 -18.55 27.37
CA CYS F 22 67.95 -18.90 28.30
C CYS F 22 66.62 -18.30 27.84
N TYR F 23 66.65 -17.07 27.33
CA TYR F 23 65.42 -16.48 26.81
C TYR F 23 64.92 -17.26 25.59
N ASP F 24 65.84 -17.73 24.75
CA ASP F 24 65.43 -18.54 23.60
C ASP F 24 64.84 -19.87 24.04
N GLY F 25 65.35 -20.44 25.12
CA GLY F 25 64.82 -21.71 25.59
C GLY F 25 63.41 -21.62 26.13
N ALA F 26 63.00 -20.43 26.57
CA ALA F 26 61.68 -20.25 27.17
C ALA F 26 60.56 -20.21 26.14
N ARG F 27 60.87 -20.27 24.85
CA ARG F 27 59.85 -20.16 23.82
C ARG F 27 58.81 -21.27 23.94
N VAL F 28 57.66 -21.05 23.30
CA VAL F 28 56.47 -21.87 23.51
C VAL F 28 56.31 -22.84 22.34
N ASN F 29 57.41 -23.16 21.66
CA ASN F 29 57.37 -24.12 20.57
C ASN F 29 56.80 -25.45 21.05
N ASN F 30 55.84 -25.99 20.31
CA ASN F 30 55.09 -27.17 20.72
C ASN F 30 55.44 -28.42 19.94
N ASP F 31 55.91 -28.29 18.70
CA ASP F 31 56.10 -29.46 17.85
C ASP F 31 57.22 -30.36 18.37
N GLU F 32 58.34 -29.76 18.78
CA GLU F 32 59.50 -30.52 19.23
C GLU F 32 59.76 -30.27 20.70
N THR F 33 60.48 -31.21 21.31
CA THR F 33 60.86 -31.10 22.71
C THR F 33 62.16 -30.31 22.85
N CYS F 34 62.46 -29.91 24.09
CA CYS F 34 63.65 -29.09 24.35
C CYS F 34 64.91 -29.84 23.98
N GLU F 35 64.98 -31.13 24.30
CA GLU F 35 66.18 -31.91 23.98
C GLU F 35 66.41 -31.97 22.47
N GLN F 36 65.35 -32.17 21.70
CA GLN F 36 65.49 -32.20 20.25
C GLN F 36 65.82 -30.81 19.69
N ARG F 37 65.25 -29.76 20.27
CA ARG F 37 65.57 -28.41 19.82
C ARG F 37 67.04 -28.07 20.11
N ALA F 38 67.59 -28.65 21.18
CA ALA F 38 69.00 -28.42 21.49
C ALA F 38 69.92 -28.94 20.39
N ALA F 39 69.48 -29.95 19.64
CA ALA F 39 70.29 -30.50 18.56
C ALA F 39 70.57 -29.48 17.47
N ARG F 40 69.69 -28.50 17.30
CA ARG F 40 69.91 -27.44 16.32
C ARG F 40 70.89 -26.39 16.81
N ILE F 41 71.25 -26.39 18.09
CA ILE F 41 72.13 -25.38 18.66
C ILE F 41 73.57 -25.89 18.55
N SER F 42 74.41 -25.12 17.84
CA SER F 42 75.82 -25.43 17.72
C SER F 42 76.73 -24.23 17.94
N LEU F 43 76.18 -23.03 18.11
CA LEU F 43 77.02 -21.84 18.24
C LEU F 43 77.84 -21.86 19.51
N GLY F 44 77.25 -22.29 20.63
CA GLY F 44 77.92 -22.25 21.90
C GLY F 44 77.92 -23.59 22.61
N PRO F 45 79.11 -24.12 22.90
CA PRO F 45 79.19 -25.37 23.68
C PRO F 45 78.57 -25.27 25.05
N ARG F 46 78.66 -24.11 25.71
CA ARG F 46 78.05 -23.89 27.02
C ARG F 46 76.66 -23.28 26.93
N CYS F 47 76.20 -22.92 25.73
CA CYS F 47 74.83 -22.48 25.57
C CYS F 47 73.85 -23.65 25.69
N ILE F 48 74.32 -24.86 25.34
CA ILE F 48 73.42 -26.02 25.31
C ILE F 48 72.87 -26.31 26.70
N LYS F 49 73.74 -26.30 27.71
CA LYS F 49 73.29 -26.66 29.06
C LYS F 49 72.29 -25.66 29.62
N ALA F 50 72.57 -24.36 29.47
CA ALA F 50 71.66 -23.35 29.95
C ALA F 50 70.34 -23.39 29.19
N PHE F 51 70.40 -23.56 27.88
CA PHE F 51 69.19 -23.69 27.07
C PHE F 51 68.34 -24.85 27.54
N THR F 52 68.97 -26.02 27.74
CA THR F 52 68.23 -27.20 28.17
C THR F 52 67.60 -26.99 29.53
N GLU F 53 68.37 -26.43 30.47
CA GLU F 53 67.83 -26.20 31.82
C GLU F 53 66.65 -25.25 31.78
N CYS F 54 66.79 -24.12 31.07
CA CYS F 54 65.72 -23.13 31.04
C CYS F 54 64.47 -23.70 30.37
N CYS F 55 64.65 -24.43 29.26
CA CYS F 55 63.49 -24.99 28.56
C CYS F 55 62.79 -26.06 29.40
N VAL F 56 63.56 -26.92 30.07
CA VAL F 56 62.95 -27.95 30.91
C VAL F 56 62.20 -27.33 32.07
N VAL F 57 62.77 -26.27 32.66
CA VAL F 57 62.08 -25.57 33.74
C VAL F 57 60.78 -24.97 33.23
N ALA F 58 60.82 -24.31 32.07
CA ALA F 58 59.62 -23.63 31.55
C ALA F 58 58.53 -24.63 31.20
N SER F 59 58.89 -25.75 30.58
CA SER F 59 57.87 -26.68 30.09
C SER F 59 57.06 -27.28 31.22
N GLN F 60 57.72 -27.63 32.34
CA GLN F 60 57.00 -28.25 33.45
C GLN F 60 55.97 -27.28 34.06
N LEU F 61 56.34 -26.01 34.20
CA LEU F 61 55.41 -25.04 34.76
C LEU F 61 54.32 -24.63 33.76
N ARG F 62 54.58 -24.71 32.45
CA ARG F 62 53.52 -24.41 31.49
C ARG F 62 52.40 -25.43 31.53
N ALA F 63 52.64 -26.64 32.05
CA ALA F 63 51.57 -27.59 32.27
C ALA F 63 50.75 -27.19 33.49
N ASN F 64 49.54 -27.73 33.58
CA ASN F 64 48.63 -27.49 34.70
C ASN F 64 48.27 -26.02 34.82
N ILE F 65 47.84 -25.42 33.70
CA ILE F 65 47.45 -24.02 33.67
C ILE F 65 45.95 -23.83 33.46
N SER F 66 45.24 -24.85 32.96
CA SER F 66 43.79 -24.85 32.85
C SER F 66 43.27 -23.85 31.82
N HIS F 67 44.17 -23.14 31.15
CA HIS F 67 43.78 -22.16 30.15
C HIS F 67 43.89 -22.75 28.75
N LYS F 68 42.88 -22.46 27.92
CA LYS F 68 42.83 -22.93 26.54
C LYS F 68 42.71 -21.75 25.61
N ASP F 69 43.54 -21.72 24.56
CA ASP F 69 43.60 -20.60 23.63
C ASP F 69 42.60 -20.78 22.48
N MET F 70 41.31 -20.70 22.84
CA MET F 70 40.27 -20.75 21.83
C MET F 70 40.32 -19.51 20.95
N GLN F 71 39.98 -19.70 19.69
CA GLN F 71 40.06 -18.62 18.68
C GLN F 71 38.80 -17.78 18.70
N LEU F 72 38.88 -16.58 18.16
CA LEU F 72 37.78 -15.62 18.25
C LEU F 72 36.54 -16.08 17.52
N GLY F 73 36.64 -17.08 16.65
CA GLY F 73 35.50 -17.59 15.93
C GLY F 73 34.66 -18.62 16.66
N ARG F 74 35.03 -18.94 17.89
CA ARG F 74 34.29 -19.92 18.68
C ARG F 74 33.74 -19.29 19.96
#